data_4Z92
#
_entry.id   4Z92
#
_cell.length_a   399.500
_cell.length_b   399.500
_cell.length_c   332.860
_cell.angle_alpha   90.00
_cell.angle_beta   90.00
_cell.angle_gamma   120.00
#
_symmetry.space_group_name_H-M   'P 63 2 2'
#
loop_
_entity.id
_entity.type
_entity.pdbx_description
1 polymer 'capsid subunit VP1'
2 polymer 'Capsid subunit VP3'
3 polymer 'capsid subunit VP0'
4 polymer "RNA (5'-R(*AP*UP*UP*UP*UP*U)-3')"
#
loop_
_entity_poly.entity_id
_entity_poly.type
_entity_poly.pdbx_seq_one_letter_code
_entity_poly.pdbx_strand_id
1 'polypeptide(L)'
;NSWGSQMDLTDPLCIEDDTENCKQTMSPNELGLTSAQDDGPLGQEKPNYFLNFRSMNVDIFTVSHTKVDNLFGRAWFFME
HTFTNEGQWRVPLEFPKQGHGSLSLLFAYFTGELNIHVLFLSERGFLRVAHTYDTSNDRVNFLSSNGVITVPAGEQMTLS
APYYSNKPLRTVRDNNSLGYLMCKPFLTGTSTGKIEVYLSLRCPNFFFPLPAPKVTSSRALRGDMANLTNQSPY
;
A
2 'polypeptide(L)'
;APNGKKKNWKKIMTMSTKYKWTRTKIDIAEGPGSMNMANVLCTTGAQSVALVGERAFYDPRTAGSKSRFDDLVKIAQLFS
VMADSTTPSENHGVDAKGYFKWSATTAPQSIVHRNIVYLRLFPNLNVFVNSYSYFRGSLVLRLSVYASTFNRGRLRMGFF
PNATTDSTSTLDNAIYTICDIGSDNSFEITIPYSFSTWMRKTNGHPIGLFQIEVLNRLTYNSSSPSEVYCIVQGKMGQDA
RFFCPTGSVVTFQ
;
B
3 'polypeptide(L)'
;METIKSIADMATGVVSSVDSTINAVNEKVESVGNEIGGNLLTKVADDASNILGPNCFATTAEPENKNVVQATTTVNTTNL
TQHPSAPTMPFSPDFSNVDNFHSMAYDITTGDKNPSKLVRLETHEWTPSWARGYQITHVELPKVFWDHQDKPAYGQSRYF
AAVRCGFHFQVQVNVNQGTAGSALVVYEPKPVVTYDSKLEFGAFTNLPHVLMNLAETTQADLCIPYVADTNYVKTDSSDL
GQLKVYVWTPLSIPTGSANQVDVTILGSLLQLDFQNPRVFAQDVNIYDN
;
C
4 'polyribonucleotide' AUUUUU D
#
loop_
_chem_comp.id
_chem_comp.type
_chem_comp.name
_chem_comp.formula
A RNA linking ADENOSINE-5'-MONOPHOSPHATE 'C10 H14 N5 O7 P'
U RNA linking URIDINE-5'-MONOPHOSPHATE 'C9 H13 N2 O9 P'
#
# COMPACT_ATOMS: atom_id res chain seq x y z
N THR A 25 -10.82 -10.02 33.06
CA THR A 25 -11.60 -11.13 32.40
C THR A 25 -11.87 -10.82 30.93
N MET A 26 -12.65 -11.66 30.29
CA MET A 26 -13.00 -11.50 28.89
C MET A 26 -14.19 -10.58 28.67
N SER A 27 -14.03 -9.64 27.73
CA SER A 27 -15.09 -8.69 27.41
C SER A 27 -15.96 -9.26 26.28
N PRO A 28 -17.20 -8.77 26.16
CA PRO A 28 -18.11 -9.25 25.11
C PRO A 28 -17.57 -8.97 23.71
N ASN A 29 -16.67 -8.01 23.62
CA ASN A 29 -16.05 -7.63 22.35
C ASN A 29 -15.19 -8.78 21.82
N GLU A 30 -14.49 -9.44 22.74
CA GLU A 30 -13.62 -10.55 22.40
C GLU A 30 -14.37 -11.86 22.31
N LEU A 31 -15.68 -11.82 22.47
CA LEU A 31 -16.51 -13.01 22.40
C LEU A 31 -17.32 -13.07 21.11
N GLY A 32 -17.02 -12.16 20.19
CA GLY A 32 -17.73 -12.15 18.92
C GLY A 32 -18.57 -10.91 18.64
N LEU A 33 -19.04 -10.25 19.69
CA LEU A 33 -19.86 -9.06 19.53
C LEU A 33 -19.00 -7.84 19.27
N THR A 34 -19.01 -7.36 18.02
CA THR A 34 -18.23 -6.19 17.63
C THR A 34 -18.97 -5.35 16.60
N SER A 35 -18.29 -4.34 16.08
CA SER A 35 -18.85 -3.45 15.07
C SER A 35 -17.83 -3.24 13.96
N ALA A 36 -18.22 -3.58 12.73
CA ALA A 36 -17.34 -3.47 11.58
C ALA A 36 -16.85 -2.05 11.29
N GLN A 37 -17.61 -1.04 11.73
CA GLN A 37 -17.23 0.34 11.49
C GLN A 37 -16.24 0.89 12.50
N ASP A 38 -15.77 0.03 13.40
CA ASP A 38 -14.80 0.44 14.41
C ASP A 38 -13.55 -0.41 14.30
N ASP A 39 -13.16 -0.72 13.07
CA ASP A 39 -11.97 -1.53 12.85
C ASP A 39 -10.70 -0.73 12.62
N GLY A 40 -10.85 0.52 12.15
CA GLY A 40 -9.67 1.34 11.92
C GLY A 40 -9.03 1.78 13.23
N PRO A 41 -7.70 1.95 13.28
CA PRO A 41 -6.72 1.75 12.20
C PRO A 41 -6.63 0.31 11.71
N LEU A 42 -6.02 0.11 10.55
CA LEU A 42 -5.85 -1.22 9.98
C LEU A 42 -4.80 -2.01 10.75
N GLY A 43 -5.11 -3.27 11.04
CA GLY A 43 -4.19 -4.12 11.77
C GLY A 43 -4.51 -4.24 13.25
N GLN A 44 -5.59 -4.95 13.55
CA GLN A 44 -6.01 -5.16 14.94
C GLN A 44 -5.94 -6.63 15.31
N GLU A 45 -4.89 -7.01 16.01
CA GLU A 45 -4.73 -8.41 16.43
C GLU A 45 -5.56 -8.70 17.67
N LYS A 46 -6.88 -8.59 17.53
CA LYS A 46 -7.79 -8.84 18.64
C LYS A 46 -7.98 -10.35 18.84
N PRO A 47 -7.93 -10.81 20.10
CA PRO A 47 -8.11 -12.23 20.41
C PRO A 47 -9.58 -12.64 20.49
N ASN A 48 -9.90 -13.82 20.00
CA ASN A 48 -11.26 -14.33 20.02
C ASN A 48 -11.34 -15.60 20.83
N TYR A 49 -12.24 -15.62 21.81
CA TYR A 49 -12.39 -16.80 22.67
C TYR A 49 -13.84 -17.17 22.97
N PHE A 50 -14.01 -18.31 23.62
CA PHE A 50 -15.29 -18.81 24.07
C PHE A 50 -14.91 -19.95 25.02
N LEU A 51 -15.82 -20.44 25.85
CA LEU A 51 -15.43 -21.51 26.77
C LEU A 51 -14.77 -22.66 25.98
N ASN A 52 -13.85 -23.34 26.62
CA ASN A 52 -13.21 -24.49 26.00
C ASN A 52 -12.46 -24.15 24.71
N PHE A 53 -11.90 -22.96 24.64
CA PHE A 53 -11.14 -22.52 23.48
C PHE A 53 -10.24 -21.33 23.75
N ARG A 54 -9.08 -21.37 23.10
CA ARG A 54 -8.08 -20.33 23.21
C ARG A 54 -7.11 -20.47 22.04
N SER A 55 -6.63 -19.35 21.52
CA SER A 55 -5.69 -19.36 20.41
C SER A 55 -4.47 -20.22 20.76
N MET A 56 -4.32 -21.34 20.07
CA MET A 56 -3.19 -22.24 20.29
C MET A 56 -2.23 -22.23 19.11
N ASN A 57 -1.03 -21.73 19.36
CA ASN A 57 0.00 -21.65 18.33
C ASN A 57 0.96 -22.83 18.41
N VAL A 58 0.83 -23.76 17.47
CA VAL A 58 1.70 -24.93 17.45
C VAL A 58 2.53 -24.91 16.17
N ASP A 59 3.85 -25.07 16.34
CA ASP A 59 4.75 -25.06 15.19
C ASP A 59 5.17 -26.46 14.79
N ILE A 60 5.27 -26.69 13.49
CA ILE A 60 5.66 -28.00 12.96
C ILE A 60 7.11 -27.98 12.47
N PHE A 61 7.53 -26.82 11.95
CA PHE A 61 8.89 -26.67 11.44
C PHE A 61 9.67 -25.66 12.27
N THR A 62 10.99 -25.72 12.17
CA THR A 62 11.83 -24.81 12.94
C THR A 62 11.68 -23.36 12.50
N VAL A 63 11.13 -23.12 11.32
CA VAL A 63 10.86 -21.75 10.94
C VAL A 63 9.65 -21.54 10.07
N SER A 64 9.34 -20.27 10.00
CA SER A 64 8.24 -19.79 9.24
C SER A 64 8.41 -19.84 7.74
N HIS A 65 7.31 -20.14 7.06
CA HIS A 65 7.27 -20.21 5.63
C HIS A 65 6.38 -19.07 5.14
N THR A 66 5.90 -18.25 6.08
CA THR A 66 5.03 -17.13 5.75
C THR A 66 5.81 -15.83 5.64
N LYS A 67 7.00 -15.79 6.25
CA LYS A 67 7.84 -14.59 6.20
C LYS A 67 8.23 -14.26 4.78
N VAL A 68 8.06 -13.00 4.40
CA VAL A 68 8.38 -12.53 3.05
C VAL A 68 9.76 -12.95 2.56
N ASP A 69 10.77 -12.83 3.43
CA ASP A 69 12.12 -13.19 3.06
C ASP A 69 12.26 -14.66 2.68
N ASN A 70 11.61 -15.53 3.44
CA ASN A 70 11.66 -16.97 3.19
C ASN A 70 10.88 -17.39 1.96
N LEU A 71 9.59 -17.10 1.94
CA LEU A 71 8.73 -17.46 0.82
C LEU A 71 9.30 -17.04 -0.53
N PHE A 72 9.53 -15.74 -0.68
CA PHE A 72 10.05 -15.18 -1.92
C PHE A 72 11.52 -15.53 -2.17
N GLY A 73 12.19 -16.03 -1.15
CA GLY A 73 13.58 -16.41 -1.30
C GLY A 73 13.70 -17.60 -2.22
N ARG A 74 12.56 -18.17 -2.59
CA ARG A 74 12.50 -19.31 -3.48
C ARG A 74 12.01 -18.89 -4.86
N ALA A 75 12.82 -19.17 -5.87
CA ALA A 75 12.51 -18.81 -7.24
C ALA A 75 11.22 -19.41 -7.80
N TRP A 76 10.88 -18.99 -9.02
CA TRP A 76 9.69 -19.46 -9.72
C TRP A 76 9.91 -19.14 -11.20
N PHE A 77 9.44 -20.01 -12.08
CA PHE A 77 9.63 -19.80 -13.51
C PHE A 77 9.10 -18.44 -13.95
N PHE A 78 9.74 -17.88 -14.98
CA PHE A 78 9.34 -16.59 -15.51
C PHE A 78 8.97 -16.73 -16.98
N MET A 79 9.98 -17.00 -17.82
CA MET A 79 9.74 -17.15 -19.24
C MET A 79 10.94 -17.81 -19.93
N GLU A 80 10.74 -18.20 -21.18
CA GLU A 80 11.80 -18.84 -21.96
C GLU A 80 11.96 -18.18 -23.33
N HIS A 81 13.19 -18.12 -23.81
CA HIS A 81 13.49 -17.51 -25.10
C HIS A 81 14.35 -18.44 -25.94
N THR A 82 13.94 -18.64 -27.20
CA THR A 82 14.69 -19.50 -28.11
C THR A 82 15.48 -18.64 -29.08
N PHE A 83 16.80 -18.67 -28.93
CA PHE A 83 17.69 -17.88 -29.79
C PHE A 83 18.23 -18.68 -30.97
N THR A 84 18.55 -17.97 -32.04
CA THR A 84 19.09 -18.59 -33.25
C THR A 84 20.31 -17.79 -33.70
N ASN A 85 20.26 -16.49 -33.46
CA ASN A 85 21.35 -15.58 -33.83
C ASN A 85 22.00 -15.07 -32.56
N GLU A 86 22.83 -14.04 -32.69
CA GLU A 86 23.51 -13.45 -31.55
C GLU A 86 22.76 -12.21 -31.07
N GLY A 87 21.51 -12.08 -31.51
CA GLY A 87 20.70 -10.95 -31.12
C GLY A 87 20.59 -10.78 -29.62
N GLN A 88 19.98 -9.69 -29.18
CA GLN A 88 19.83 -9.44 -27.76
C GLN A 88 18.40 -9.72 -27.29
N TRP A 89 18.27 -10.09 -26.02
CA TRP A 89 16.98 -10.42 -25.42
C TRP A 89 16.59 -9.42 -24.35
N ARG A 90 15.68 -8.50 -24.69
CA ARG A 90 15.21 -7.50 -23.72
C ARG A 90 13.82 -7.89 -23.26
N VAL A 91 13.63 -8.01 -21.95
CA VAL A 91 12.33 -8.40 -21.41
C VAL A 91 11.95 -7.69 -20.11
N PRO A 92 10.75 -7.09 -20.08
CA PRO A 92 10.27 -6.39 -18.89
C PRO A 92 9.97 -7.39 -17.78
N LEU A 93 10.79 -7.39 -16.74
CA LEU A 93 10.59 -8.31 -15.63
C LEU A 93 9.44 -7.80 -14.77
N GLU A 94 8.54 -8.69 -14.38
CA GLU A 94 7.38 -8.34 -13.58
C GLU A 94 7.05 -9.44 -12.59
N PHE A 95 6.24 -9.11 -11.59
CA PHE A 95 5.83 -10.09 -10.59
C PHE A 95 4.84 -11.06 -11.20
N PRO A 96 4.89 -12.34 -10.80
CA PRO A 96 4.01 -13.39 -11.31
C PRO A 96 2.59 -13.38 -10.78
N LYS A 97 1.66 -13.66 -11.69
CA LYS A 97 0.24 -13.76 -11.37
C LYS A 97 -0.01 -15.25 -11.52
N GLN A 98 1.09 -16.01 -11.46
CA GLN A 98 1.00 -17.46 -11.65
C GLN A 98 1.50 -18.40 -10.56
N GLY A 99 2.72 -18.20 -10.06
CA GLY A 99 3.23 -19.10 -9.04
C GLY A 99 3.01 -18.60 -7.63
N HIS A 100 3.72 -19.18 -6.67
CA HIS A 100 3.59 -18.76 -5.28
C HIS A 100 4.00 -17.30 -5.16
N GLY A 101 4.65 -16.77 -6.19
CA GLY A 101 5.08 -15.38 -6.17
C GLY A 101 3.89 -14.45 -6.27
N SER A 102 2.74 -15.01 -6.62
CA SER A 102 1.51 -14.22 -6.76
C SER A 102 1.16 -13.53 -5.45
N LEU A 103 1.64 -14.08 -4.34
CA LEU A 103 1.37 -13.50 -3.02
C LEU A 103 1.85 -12.06 -2.96
N SER A 104 2.62 -11.65 -3.96
CA SER A 104 3.14 -10.30 -4.03
C SER A 104 2.05 -9.34 -4.49
N LEU A 105 1.12 -9.86 -5.29
CA LEU A 105 0.03 -9.06 -5.82
C LEU A 105 -0.82 -8.47 -4.70
N LEU A 106 -0.60 -8.93 -3.47
CA LEU A 106 -1.35 -8.44 -2.32
C LEU A 106 -0.74 -7.14 -1.83
N PHE A 107 0.39 -6.76 -2.42
CA PHE A 107 1.07 -5.53 -2.05
C PHE A 107 1.05 -4.54 -3.20
N ALA A 108 1.43 -3.30 -2.93
CA ALA A 108 1.43 -2.25 -3.94
C ALA A 108 2.84 -1.80 -4.33
N TYR A 109 3.73 -1.73 -3.36
CA TYR A 109 5.10 -1.29 -3.64
C TYR A 109 6.18 -2.27 -3.19
N PHE A 110 7.27 -2.31 -3.96
CA PHE A 110 8.39 -3.20 -3.68
C PHE A 110 9.73 -2.47 -3.82
N THR A 111 10.76 -3.03 -3.18
CA THR A 111 12.10 -2.48 -3.23
C THR A 111 13.08 -3.44 -2.54
N GLY A 112 14.20 -3.72 -3.20
CA GLY A 112 15.19 -4.62 -2.64
C GLY A 112 15.94 -5.41 -3.69
N GLU A 113 16.80 -6.32 -3.26
CA GLU A 113 17.58 -7.14 -4.19
C GLU A 113 16.69 -8.03 -5.04
N LEU A 114 17.15 -8.34 -6.25
CA LEU A 114 16.42 -9.18 -7.18
C LEU A 114 17.31 -10.31 -7.71
N ASN A 115 16.94 -11.54 -7.37
CA ASN A 115 17.70 -12.71 -7.81
C ASN A 115 17.18 -13.23 -9.14
N ILE A 116 18.04 -13.23 -10.15
CA ILE A 116 17.67 -13.71 -11.48
C ILE A 116 18.40 -15.01 -11.78
N HIS A 117 17.64 -16.05 -12.08
CA HIS A 117 18.19 -17.36 -12.39
C HIS A 117 18.07 -17.62 -13.89
N VAL A 118 19.20 -17.76 -14.57
CA VAL A 118 19.19 -17.98 -16.00
C VAL A 118 19.88 -19.29 -16.40
N LEU A 119 19.22 -20.03 -17.30
CA LEU A 119 19.75 -21.30 -17.78
C LEU A 119 20.09 -21.14 -19.26
N PHE A 120 21.38 -21.29 -19.58
CA PHE A 120 21.85 -21.16 -20.95
C PHE A 120 21.98 -22.52 -21.64
N LEU A 121 20.94 -22.91 -22.35
CA LEU A 121 20.93 -24.19 -23.06
C LEU A 121 21.52 -24.04 -24.46
N SER A 122 22.82 -24.28 -24.57
CA SER A 122 23.52 -24.18 -25.85
C SER A 122 24.68 -25.16 -25.90
N GLU A 123 24.99 -25.63 -27.10
CA GLU A 123 26.08 -26.59 -27.31
C GLU A 123 27.45 -25.96 -27.09
N ARG A 124 27.73 -24.87 -27.80
CA ARG A 124 29.02 -24.20 -27.68
C ARG A 124 28.88 -22.68 -27.79
N GLY A 125 29.16 -21.97 -26.70
CA GLY A 125 29.06 -20.53 -26.70
C GLY A 125 29.10 -19.89 -25.33
N PHE A 126 28.65 -18.64 -25.27
CA PHE A 126 28.62 -17.87 -24.03
C PHE A 126 27.36 -17.01 -24.01
N LEU A 127 26.86 -16.71 -22.82
CA LEU A 127 25.67 -15.88 -22.70
C LEU A 127 25.92 -14.65 -21.83
N ARG A 128 25.78 -13.48 -22.43
CA ARG A 128 25.97 -12.23 -21.71
C ARG A 128 24.64 -11.90 -21.05
N VAL A 129 24.67 -11.61 -19.75
CA VAL A 129 23.46 -11.29 -19.03
C VAL A 129 23.63 -9.97 -18.30
N ALA A 130 22.59 -9.13 -18.32
CA ALA A 130 22.63 -7.83 -17.67
C ALA A 130 21.25 -7.42 -17.19
N HIS A 131 21.19 -6.45 -16.29
CA HIS A 131 19.91 -5.99 -15.76
C HIS A 131 19.94 -4.51 -15.38
N THR A 132 18.87 -3.79 -15.72
CA THR A 132 18.75 -2.37 -15.41
C THR A 132 17.29 -1.97 -15.25
N TYR A 133 17.05 -0.92 -14.48
CA TYR A 133 15.70 -0.42 -14.26
C TYR A 133 15.47 0.74 -15.22
N ASP A 134 16.53 1.13 -15.92
CA ASP A 134 16.47 2.22 -16.88
C ASP A 134 15.56 1.83 -18.04
N THR A 135 14.57 2.66 -18.31
CA THR A 135 13.61 2.40 -19.39
C THR A 135 14.18 2.62 -20.79
N SER A 136 15.16 3.51 -20.90
CA SER A 136 15.79 3.80 -22.19
C SER A 136 16.36 2.54 -22.83
N ASN A 137 16.00 2.30 -24.09
CA ASN A 137 16.46 1.12 -24.81
C ASN A 137 17.82 1.32 -25.48
N ASP A 138 18.42 2.48 -25.28
CA ASP A 138 19.71 2.77 -25.88
C ASP A 138 20.86 2.61 -24.90
N ARG A 139 20.57 2.72 -23.61
CA ARG A 139 21.60 2.58 -22.58
C ARG A 139 21.96 1.10 -22.47
N VAL A 140 21.22 0.28 -23.19
CA VAL A 140 21.46 -1.16 -23.18
C VAL A 140 22.10 -1.62 -24.48
N ASN A 141 22.05 -0.79 -25.52
CA ASN A 141 22.65 -1.20 -26.77
C ASN A 141 24.10 -1.69 -26.59
N PHE A 142 24.80 -1.16 -25.59
CA PHE A 142 26.20 -1.55 -25.37
C PHE A 142 26.52 -2.55 -24.26
N LEU A 143 25.88 -2.45 -23.10
CA LEU A 143 26.14 -3.36 -21.97
C LEU A 143 27.41 -3.02 -21.20
N SER A 144 27.91 -1.81 -21.39
CA SER A 144 29.14 -1.36 -20.73
C SER A 144 29.19 -1.69 -19.26
N SER A 145 28.26 -1.11 -18.50
CA SER A 145 28.20 -1.32 -17.06
C SER A 145 26.80 -1.69 -16.61
N ASN A 146 26.24 -2.72 -17.22
CA ASN A 146 24.90 -3.15 -16.87
C ASN A 146 24.94 -4.57 -16.33
N GLY A 147 26.15 -5.00 -15.97
CA GLY A 147 26.35 -6.33 -15.41
C GLY A 147 26.39 -7.47 -16.41
N VAL A 148 27.40 -7.51 -17.26
CA VAL A 148 27.54 -8.55 -18.29
C VAL A 148 28.13 -9.89 -17.86
N ILE A 149 27.60 -10.50 -16.81
CA ILE A 149 28.09 -11.80 -16.34
C ILE A 149 28.08 -12.82 -17.47
N THR A 150 29.03 -13.76 -17.43
CA THR A 150 29.15 -14.77 -18.48
C THR A 150 28.89 -16.21 -18.05
N VAL A 151 27.86 -16.81 -18.63
CA VAL A 151 27.49 -18.19 -18.35
C VAL A 151 27.94 -19.01 -19.56
N PRO A 152 28.96 -19.87 -19.38
CA PRO A 152 29.40 -20.67 -20.53
C PRO A 152 28.29 -21.58 -21.02
N ALA A 153 28.39 -22.01 -22.28
CA ALA A 153 27.38 -22.88 -22.87
C ALA A 153 27.03 -24.06 -21.95
N GLY A 154 25.74 -24.41 -21.93
CA GLY A 154 25.29 -25.52 -21.10
C GLY A 154 25.38 -25.29 -19.61
N GLU A 155 25.62 -24.04 -19.22
CA GLU A 155 25.73 -23.70 -17.79
C GLU A 155 24.53 -22.86 -17.34
N GLN A 156 24.54 -22.47 -16.07
CA GLN A 156 23.48 -21.66 -15.50
C GLN A 156 24.00 -20.86 -14.31
N MET A 157 23.57 -19.61 -14.21
CA MET A 157 24.01 -18.74 -13.13
C MET A 157 22.86 -18.02 -12.45
N THR A 158 23.11 -17.57 -11.21
CA THR A 158 22.12 -16.84 -10.43
C THR A 158 22.71 -15.50 -10.02
N LEU A 159 22.38 -14.46 -10.76
CA LEU A 159 22.89 -13.12 -10.47
C LEU A 159 21.88 -12.31 -9.65
N SER A 160 22.37 -11.62 -8.63
CA SER A 160 21.52 -10.80 -7.78
C SER A 160 21.65 -9.33 -8.14
N ALA A 161 20.68 -8.83 -8.88
CA ALA A 161 20.68 -7.43 -9.31
C ALA A 161 20.22 -6.50 -8.19
N PRO A 162 21.03 -5.47 -7.88
CA PRO A 162 20.70 -4.51 -6.83
C PRO A 162 19.57 -3.58 -7.25
N TYR A 163 19.04 -2.83 -6.29
CA TYR A 163 17.95 -1.91 -6.57
C TYR A 163 18.46 -0.64 -7.24
N TYR A 164 18.98 -0.79 -8.46
CA TYR A 164 19.49 0.33 -9.23
C TYR A 164 18.35 1.02 -9.97
N SER A 165 17.26 1.26 -9.25
CA SER A 165 16.09 1.91 -9.83
C SER A 165 16.12 3.42 -9.61
N ASN A 166 15.55 4.17 -10.54
CA ASN A 166 15.50 5.62 -10.43
C ASN A 166 14.26 6.03 -9.65
N LYS A 167 13.45 5.04 -9.30
CA LYS A 167 12.23 5.28 -8.54
C LYS A 167 12.37 4.60 -7.18
N PRO A 168 12.16 5.33 -6.09
CA PRO A 168 12.28 4.79 -4.73
C PRO A 168 11.52 3.50 -4.52
N LEU A 169 10.35 3.41 -5.14
CA LEU A 169 9.54 2.21 -5.00
C LEU A 169 9.08 1.71 -6.35
N ARG A 170 8.90 0.41 -6.43
CA ARG A 170 8.44 -0.18 -7.68
C ARG A 170 6.99 -0.61 -7.51
N THR A 171 6.05 0.02 -8.22
CA THR A 171 4.65 -0.39 -8.10
C THR A 171 4.87 -1.89 -8.36
N VAL A 172 4.32 -2.77 -7.54
CA VAL A 172 4.46 -4.20 -7.76
C VAL A 172 3.78 -4.75 -9.03
N ARG A 173 2.76 -4.07 -9.56
CA ARG A 173 2.05 -4.59 -10.73
C ARG A 173 2.55 -4.37 -12.14
N ASP A 174 3.14 -3.21 -12.34
CA ASP A 174 3.70 -2.81 -13.62
C ASP A 174 4.33 -3.90 -14.45
N ASN A 175 4.07 -3.83 -15.75
CA ASN A 175 4.58 -4.78 -16.72
C ASN A 175 6.10 -4.73 -16.68
N ASN A 176 6.63 -3.77 -15.93
CA ASN A 176 8.07 -3.62 -15.79
C ASN A 176 8.39 -3.31 -14.33
N SER A 177 7.52 -3.76 -13.43
CA SER A 177 7.71 -3.54 -12.00
C SER A 177 9.16 -3.81 -11.66
N LEU A 178 9.67 -4.92 -12.18
CA LEU A 178 11.06 -5.30 -11.98
C LEU A 178 11.80 -4.77 -13.21
N GLY A 179 13.08 -4.45 -13.05
CA GLY A 179 13.85 -3.92 -14.17
C GLY A 179 14.01 -4.91 -15.31
N TYR A 180 14.35 -4.39 -16.48
CA TYR A 180 14.54 -5.19 -17.69
C TYR A 180 15.79 -6.08 -17.65
N LEU A 181 15.67 -7.26 -18.24
CA LEU A 181 16.76 -8.22 -18.31
C LEU A 181 17.29 -8.32 -19.73
N MET A 182 18.62 -8.33 -19.87
CA MET A 182 19.25 -8.40 -21.18
C MET A 182 20.06 -9.68 -21.38
N CYS A 183 19.93 -10.28 -22.55
CA CYS A 183 20.65 -11.50 -22.88
C CYS A 183 21.17 -11.50 -24.31
N LYS A 184 22.47 -11.25 -24.47
CA LYS A 184 23.10 -11.23 -25.78
C LYS A 184 24.06 -12.40 -25.87
N PRO A 185 23.60 -13.53 -26.42
CA PRO A 185 24.44 -14.72 -26.55
C PRO A 185 25.56 -14.59 -27.57
N PHE A 186 26.75 -15.04 -27.20
CA PHE A 186 27.91 -15.00 -28.07
C PHE A 186 28.18 -16.40 -28.62
N LEU A 187 27.50 -16.75 -29.72
CA LEU A 187 27.62 -18.06 -30.35
C LEU A 187 28.89 -18.16 -31.23
N THR A 188 29.26 -19.38 -31.62
CA THR A 188 30.48 -19.62 -32.41
C THR A 188 30.32 -20.18 -33.82
N GLY A 189 29.33 -21.05 -33.98
CA GLY A 189 29.07 -21.65 -35.26
C GLY A 189 27.58 -21.60 -35.45
N THR A 190 27.05 -22.44 -36.31
CA THR A 190 25.62 -22.45 -36.56
C THR A 190 24.79 -22.82 -35.32
N SER A 191 25.45 -23.17 -34.22
CA SER A 191 24.76 -23.56 -33.00
C SER A 191 23.65 -22.62 -32.54
N THR A 192 22.52 -23.18 -32.11
CA THR A 192 21.36 -22.42 -31.63
C THR A 192 20.84 -23.06 -30.34
N GLY A 193 19.85 -22.44 -29.72
CA GLY A 193 19.29 -22.99 -28.48
C GLY A 193 18.17 -22.20 -27.84
N LYS A 194 17.99 -22.41 -26.54
CA LYS A 194 16.94 -21.71 -25.81
C LYS A 194 17.40 -21.32 -24.39
N ILE A 195 16.94 -20.15 -23.92
CA ILE A 195 17.31 -19.63 -22.60
C ILE A 195 16.12 -19.53 -21.67
N GLU A 196 16.00 -20.50 -20.77
CA GLU A 196 14.90 -20.52 -19.81
C GLU A 196 15.27 -19.64 -18.62
N VAL A 197 14.34 -18.77 -18.21
CA VAL A 197 14.60 -17.87 -17.10
C VAL A 197 13.54 -17.93 -15.99
N TYR A 198 14.02 -18.08 -14.76
CA TYR A 198 13.15 -18.13 -13.58
C TYR A 198 13.77 -17.15 -12.60
N LEU A 199 13.02 -16.70 -11.60
CA LEU A 199 13.58 -15.75 -10.64
C LEU A 199 12.92 -15.65 -9.27
N SER A 200 13.66 -15.08 -8.33
CA SER A 200 13.23 -14.88 -6.95
C SER A 200 13.83 -13.54 -6.49
N LEU A 201 13.63 -13.18 -5.22
CA LEU A 201 14.20 -11.93 -4.67
C LEU A 201 14.79 -12.20 -3.26
N ARG A 202 15.85 -11.47 -2.92
CA ARG A 202 16.64 -11.64 -1.67
C ARG A 202 16.21 -11.28 -0.24
N CYS A 203 15.54 -10.15 -0.13
CA CYS A 203 15.04 -9.60 1.12
C CYS A 203 14.20 -8.59 0.43
N PRO A 204 12.90 -8.81 0.49
CA PRO A 204 11.97 -7.90 -0.17
C PRO A 204 11.21 -6.95 0.76
N ASN A 205 11.08 -5.71 0.32
CA ASN A 205 10.37 -4.70 1.09
C ASN A 205 9.05 -4.34 0.42
N PHE A 206 7.96 -4.90 0.94
CA PHE A 206 6.63 -4.65 0.40
C PHE A 206 5.87 -3.67 1.30
N PHE A 207 5.06 -2.81 0.68
CA PHE A 207 4.30 -1.82 1.44
C PHE A 207 2.87 -1.61 0.95
N PHE A 208 2.03 -1.09 1.84
CA PHE A 208 0.63 -0.77 1.56
C PHE A 208 -0.18 -1.86 0.86
N PRO A 209 -0.43 -2.99 1.54
CA PRO A 209 -1.20 -4.09 0.96
C PRO A 209 -2.54 -3.66 0.34
N LEU A 210 -2.79 -4.10 -0.88
CA LEU A 210 -4.02 -3.76 -1.60
C LEU A 210 -4.96 -4.97 -1.63
N PRO A 211 -6.20 -4.79 -2.11
CA PRO A 211 -7.16 -5.90 -2.18
C PRO A 211 -6.71 -7.10 -3.01
N ALA A 212 -7.18 -8.27 -2.61
CA ALA A 212 -6.82 -9.52 -3.29
C ALA A 212 -7.21 -9.50 -4.77
N PRO A 213 -6.42 -10.16 -5.62
CA PRO A 213 -6.65 -10.23 -7.07
C PRO A 213 -7.84 -11.12 -7.44
N LYS A 214 -8.27 -11.01 -8.68
CA LYS A 214 -9.37 -11.82 -9.20
C LYS A 214 -8.76 -13.00 -9.94
N VAL A 215 -9.61 -13.90 -10.42
CA VAL A 215 -9.13 -15.05 -11.18
C VAL A 215 -9.57 -14.88 -12.63
N THR A 216 -8.87 -15.54 -13.54
CA THR A 216 -9.19 -15.45 -14.97
C THR A 216 -10.32 -16.39 -15.36
N MET B 15 61.48 -27.69 10.51
CA MET B 15 60.44 -26.89 9.79
C MET B 15 59.71 -27.75 8.77
N SER B 16 58.50 -27.33 8.41
CA SER B 16 57.73 -28.08 7.42
C SER B 16 58.34 -27.77 6.06
N THR B 17 59.56 -28.25 5.87
CA THR B 17 60.29 -28.07 4.62
C THR B 17 60.69 -29.47 4.21
N LYS B 18 60.06 -30.44 4.87
CA LYS B 18 60.27 -31.85 4.61
C LYS B 18 59.23 -32.24 3.57
N TYR B 19 58.34 -31.31 3.27
CA TYR B 19 57.28 -31.53 2.28
C TYR B 19 57.19 -30.32 1.35
N LYS B 20 57.07 -30.59 0.05
CA LYS B 20 56.97 -29.53 -0.93
C LYS B 20 55.62 -28.84 -0.80
N TRP B 21 55.65 -27.54 -0.51
CA TRP B 21 54.42 -26.77 -0.35
C TRP B 21 53.52 -26.85 -1.58
N THR B 22 52.23 -27.04 -1.34
CA THR B 22 51.26 -27.15 -2.41
C THR B 22 49.91 -26.57 -2.00
N ARG B 23 49.06 -26.28 -2.99
CA ARG B 23 47.74 -25.74 -2.72
C ARG B 23 46.86 -26.83 -2.12
N THR B 24 45.80 -26.43 -1.44
CA THR B 24 44.88 -27.38 -0.82
C THR B 24 44.12 -28.16 -1.88
N LYS B 25 43.90 -29.45 -1.64
CA LYS B 25 43.16 -30.29 -2.57
C LYS B 25 41.82 -30.62 -1.93
N ILE B 26 40.75 -30.51 -2.70
CA ILE B 26 39.42 -30.78 -2.18
C ILE B 26 38.54 -31.57 -3.15
N ASP B 27 37.65 -32.39 -2.59
CA ASP B 27 36.73 -33.18 -3.41
C ASP B 27 35.44 -32.42 -3.63
N ILE B 28 35.00 -32.37 -4.89
CA ILE B 28 33.78 -31.67 -5.27
C ILE B 28 32.57 -32.61 -5.25
N ALA B 29 31.60 -32.30 -4.40
CA ALA B 29 30.39 -33.11 -4.25
C ALA B 29 29.55 -33.21 -5.53
N GLU B 30 28.55 -34.09 -5.49
CA GLU B 30 27.65 -34.33 -6.62
C GLU B 30 27.06 -33.02 -7.16
N GLY B 31 26.84 -32.97 -8.46
CA GLY B 31 26.28 -31.77 -9.08
C GLY B 31 27.33 -30.70 -9.37
N PRO B 32 27.68 -30.51 -10.65
CA PRO B 32 28.67 -29.53 -11.12
C PRO B 32 28.24 -28.06 -11.00
N GLY B 33 27.05 -27.74 -11.52
CA GLY B 33 26.55 -26.38 -11.43
C GLY B 33 25.09 -26.40 -11.05
N SER B 34 24.73 -27.39 -10.24
CA SER B 34 23.36 -27.56 -9.77
C SER B 34 22.86 -26.27 -9.15
N MET B 35 21.77 -25.75 -9.69
CA MET B 35 21.18 -24.51 -9.19
C MET B 35 19.98 -24.80 -8.29
N ASN B 36 20.17 -24.56 -6.99
CA ASN B 36 19.12 -24.78 -6.02
C ASN B 36 18.18 -23.58 -5.98
N MET B 37 16.98 -23.75 -6.52
CA MET B 37 15.99 -22.68 -6.55
C MET B 37 14.85 -23.01 -5.60
N ALA B 38 15.18 -23.65 -4.49
CA ALA B 38 14.19 -24.04 -3.50
C ALA B 38 14.53 -23.48 -2.12
N ASN B 39 15.80 -23.53 -1.76
CA ASN B 39 16.25 -23.05 -0.46
C ASN B 39 16.65 -21.57 -0.53
N VAL B 40 16.05 -20.76 0.34
CA VAL B 40 16.35 -19.33 0.38
C VAL B 40 17.81 -19.11 0.78
N LEU B 41 18.28 -19.93 1.72
CA LEU B 41 19.66 -19.83 2.20
C LEU B 41 20.63 -19.96 1.04
N CYS B 42 20.14 -20.50 -0.07
CA CYS B 42 20.95 -20.70 -1.27
C CYS B 42 20.92 -19.49 -2.19
N THR B 43 19.72 -18.95 -2.42
CA THR B 43 19.55 -17.80 -3.31
C THR B 43 20.14 -16.50 -2.75
N THR B 44 19.95 -16.27 -1.45
CA THR B 44 20.46 -15.05 -0.83
C THR B 44 21.99 -14.97 -0.90
N GLY B 45 22.63 -16.11 -1.10
CA GLY B 45 24.08 -16.14 -1.18
C GLY B 45 24.61 -16.02 -2.60
N ALA B 46 23.70 -15.88 -3.57
CA ALA B 46 24.09 -15.77 -4.96
C ALA B 46 24.98 -14.55 -5.19
N GLN B 47 25.71 -14.55 -6.30
CA GLN B 47 26.60 -13.44 -6.62
C GLN B 47 25.86 -12.14 -6.89
N SER B 48 26.56 -11.02 -6.75
CA SER B 48 25.97 -9.70 -6.97
C SER B 48 26.53 -8.99 -8.19
N VAL B 49 25.64 -8.49 -9.04
CA VAL B 49 26.03 -7.77 -10.25
C VAL B 49 26.25 -6.30 -9.90
N ALA B 50 26.13 -5.97 -8.62
CA ALA B 50 26.32 -4.61 -8.16
C ALA B 50 27.76 -4.16 -8.38
N LEU B 51 27.93 -2.89 -8.68
CA LEU B 51 29.26 -2.32 -8.93
C LEU B 51 30.25 -2.69 -7.84
N VAL B 52 29.80 -2.67 -6.59
CA VAL B 52 30.66 -3.00 -5.46
C VAL B 52 29.95 -3.96 -4.53
N GLY B 53 29.01 -4.72 -5.07
CA GLY B 53 28.28 -5.70 -4.28
C GLY B 53 27.71 -5.15 -2.99
N GLU B 54 27.12 -3.97 -3.08
CA GLU B 54 26.59 -3.37 -1.89
C GLU B 54 25.12 -3.29 -1.81
N ARG B 55 24.65 -2.54 -0.82
CA ARG B 55 23.22 -2.43 -0.64
C ARG B 55 22.74 -1.00 -0.69
N ALA B 56 21.44 -0.84 -0.91
CA ALA B 56 20.82 0.48 -0.99
C ALA B 56 20.01 0.82 0.26
N PHE B 57 19.73 2.11 0.43
CA PHE B 57 18.95 2.60 1.55
C PHE B 57 17.50 2.73 1.11
N TYR B 58 16.64 1.88 1.66
CA TYR B 58 15.22 1.89 1.31
C TYR B 58 14.48 3.07 1.93
N ASP B 59 13.42 3.51 1.26
CA ASP B 59 12.63 4.64 1.74
C ASP B 59 11.16 4.30 1.95
N PRO B 60 10.79 3.92 3.18
CA PRO B 60 9.41 3.56 3.53
C PRO B 60 8.45 4.75 3.51
N ARG B 61 8.94 5.91 3.92
CA ARG B 61 8.13 7.13 3.96
C ARG B 61 7.33 7.37 2.68
N THR B 62 7.97 7.23 1.53
CA THR B 62 7.30 7.45 0.26
C THR B 62 6.10 6.52 0.13
N ALA B 63 6.10 5.44 0.91
CA ALA B 63 5.01 4.47 0.90
C ALA B 63 4.05 4.78 2.05
N GLY B 64 4.40 5.80 2.83
CA GLY B 64 3.58 6.19 3.96
C GLY B 64 3.72 5.25 5.15
N SER B 65 4.66 4.32 5.06
CA SER B 65 4.89 3.35 6.13
C SER B 65 6.17 3.64 6.90
N LYS B 66 6.24 3.10 8.12
CA LYS B 66 7.42 3.28 8.96
C LYS B 66 8.32 2.06 8.89
N SER B 67 7.82 0.99 8.29
CA SER B 67 8.58 -0.24 8.17
C SER B 67 7.99 -1.13 7.07
N ARG B 68 8.81 -2.03 6.54
CA ARG B 68 8.37 -2.94 5.49
C ARG B 68 7.45 -3.99 6.09
N PHE B 69 6.86 -4.82 5.22
CA PHE B 69 5.97 -5.89 5.67
C PHE B 69 6.77 -7.18 5.68
N ASP B 70 6.97 -7.75 6.86
CA ASP B 70 7.76 -8.97 7.00
C ASP B 70 7.02 -10.31 6.94
N ASP B 71 5.83 -10.39 7.54
CA ASP B 71 5.10 -11.65 7.54
C ASP B 71 3.81 -11.59 6.73
N LEU B 72 3.58 -12.62 5.90
CA LEU B 72 2.40 -12.70 5.06
C LEU B 72 1.16 -13.20 5.79
N VAL B 73 1.36 -13.98 6.84
CA VAL B 73 0.24 -14.53 7.61
C VAL B 73 -0.74 -13.43 8.03
N LYS B 74 -0.20 -12.25 8.32
CA LYS B 74 -1.02 -11.12 8.74
C LYS B 74 -2.04 -10.73 7.67
N ILE B 75 -1.70 -10.98 6.42
CA ILE B 75 -2.61 -10.67 5.31
C ILE B 75 -3.72 -11.71 5.29
N ALA B 76 -3.37 -12.94 5.64
CA ALA B 76 -4.33 -14.04 5.67
C ALA B 76 -5.29 -13.81 6.83
N GLN B 77 -4.91 -12.90 7.72
CA GLN B 77 -5.73 -12.56 8.88
C GLN B 77 -6.56 -11.32 8.63
N LEU B 78 -6.82 -11.03 7.36
CA LEU B 78 -7.62 -9.87 6.98
C LEU B 78 -8.93 -10.33 6.35
N PHE B 79 -10.04 -9.83 6.89
CA PHE B 79 -11.37 -10.20 6.39
C PHE B 79 -11.58 -9.96 4.90
N SER B 80 -12.36 -10.85 4.30
CA SER B 80 -12.70 -10.79 2.88
C SER B 80 -14.04 -11.50 2.70
N VAL B 81 -14.91 -10.92 1.87
CA VAL B 81 -16.24 -11.48 1.64
C VAL B 81 -16.21 -12.85 0.95
N MET B 82 -17.04 -13.76 1.44
CA MET B 82 -17.12 -15.12 0.92
C MET B 82 -17.99 -15.24 -0.33
N ALA B 83 -17.36 -15.65 -1.43
CA ALA B 83 -18.07 -15.83 -2.70
C ALA B 83 -18.91 -14.60 -2.99
N ASP B 84 -18.29 -13.43 -2.83
CA ASP B 84 -18.96 -12.15 -3.04
C ASP B 84 -19.60 -12.02 -4.43
N SER B 85 -20.79 -11.42 -4.46
CA SER B 85 -21.52 -11.23 -5.70
C SER B 85 -22.17 -9.84 -5.75
N THR B 86 -22.60 -9.44 -6.94
CA THR B 86 -23.22 -8.14 -7.15
C THR B 86 -24.66 -8.17 -6.61
N THR B 87 -25.31 -9.32 -6.77
CA THR B 87 -26.68 -9.49 -6.33
C THR B 87 -26.77 -10.49 -5.17
N PRO B 88 -27.71 -10.27 -4.24
CA PRO B 88 -27.89 -11.16 -3.09
C PRO B 88 -28.30 -12.56 -3.53
N SER B 89 -28.17 -13.52 -2.63
CA SER B 89 -28.54 -14.91 -2.94
C SER B 89 -29.98 -14.97 -3.43
N GLU B 90 -30.16 -15.46 -4.65
CA GLU B 90 -31.49 -15.57 -5.23
C GLU B 90 -32.13 -16.92 -4.93
N ASN B 91 -31.45 -17.71 -4.11
CA ASN B 91 -31.94 -19.03 -3.74
C ASN B 91 -32.17 -19.14 -2.24
N HIS B 92 -32.59 -18.05 -1.62
CA HIS B 92 -32.85 -18.01 -0.18
C HIS B 92 -31.58 -18.25 0.63
N GLY B 93 -30.43 -17.99 0.02
CA GLY B 93 -29.15 -18.16 0.71
C GLY B 93 -28.57 -19.55 0.69
N VAL B 94 -29.18 -20.47 -0.05
CA VAL B 94 -28.68 -21.84 -0.10
C VAL B 94 -27.46 -21.99 -1.00
N ASP B 95 -26.92 -20.86 -1.46
CA ASP B 95 -25.73 -20.89 -2.30
C ASP B 95 -24.49 -20.46 -1.53
N ALA B 96 -23.38 -20.30 -2.24
CA ALA B 96 -22.12 -19.90 -1.61
C ALA B 96 -22.00 -18.39 -1.40
N LYS B 97 -22.89 -17.62 -2.02
CA LYS B 97 -22.85 -16.17 -1.89
C LYS B 97 -22.85 -15.70 -0.44
N GLY B 98 -21.83 -14.94 -0.08
CA GLY B 98 -21.73 -14.43 1.28
C GLY B 98 -22.49 -13.11 1.36
N TYR B 99 -23.36 -12.90 0.39
CA TYR B 99 -24.18 -11.71 0.29
C TYR B 99 -25.63 -12.14 0.06
N PHE B 100 -26.42 -12.11 1.13
CA PHE B 100 -27.81 -12.54 1.05
C PHE B 100 -28.73 -11.63 1.85
N LYS B 101 -30.01 -11.99 1.90
CA LYS B 101 -30.98 -11.20 2.63
C LYS B 101 -31.69 -11.93 3.76
N TRP B 102 -31.86 -11.19 4.86
CA TRP B 102 -32.52 -11.61 6.09
C TRP B 102 -33.90 -11.02 5.90
N SER B 103 -34.92 -11.86 5.72
CA SER B 103 -36.28 -11.36 5.51
C SER B 103 -37.29 -11.74 6.58
N ALA B 104 -38.19 -10.81 6.88
CA ALA B 104 -39.22 -11.02 7.89
C ALA B 104 -40.06 -12.27 7.59
N THR B 105 -40.32 -12.52 6.32
CA THR B 105 -41.12 -13.67 5.90
C THR B 105 -40.52 -15.01 6.34
N THR B 106 -39.21 -15.14 6.22
CA THR B 106 -38.52 -16.38 6.59
C THR B 106 -38.95 -16.89 7.97
N ALA B 107 -39.46 -18.12 7.99
CA ALA B 107 -39.93 -18.75 9.22
C ALA B 107 -38.89 -18.71 10.35
N PRO B 108 -39.34 -18.91 11.60
CA PRO B 108 -38.48 -18.90 12.79
C PRO B 108 -37.48 -20.05 12.84
N GLN B 109 -37.43 -20.86 11.79
CA GLN B 109 -36.50 -21.98 11.73
C GLN B 109 -35.96 -22.19 10.32
N SER B 110 -36.56 -21.50 9.36
CA SER B 110 -36.11 -21.61 7.98
C SER B 110 -34.67 -21.15 7.89
N ILE B 111 -34.01 -21.47 6.77
CA ILE B 111 -32.62 -21.09 6.58
C ILE B 111 -32.46 -19.83 5.73
N VAL B 112 -31.55 -18.96 6.13
CA VAL B 112 -31.30 -17.72 5.40
C VAL B 112 -30.02 -17.88 4.59
N HIS B 113 -29.23 -18.89 4.92
CA HIS B 113 -27.98 -19.17 4.22
C HIS B 113 -27.33 -20.47 4.66
N ARG B 114 -26.93 -21.29 3.69
CA ARG B 114 -26.30 -22.57 3.96
C ARG B 114 -25.36 -22.93 2.81
N ASN B 115 -24.17 -23.42 3.14
CA ASN B 115 -23.19 -23.80 2.13
C ASN B 115 -21.95 -24.42 2.77
N ILE B 116 -21.16 -25.13 1.97
CA ILE B 116 -19.95 -25.75 2.45
C ILE B 116 -18.82 -24.74 2.24
N VAL B 117 -18.06 -24.48 3.31
CA VAL B 117 -16.98 -23.50 3.25
C VAL B 117 -15.60 -24.04 2.91
N TYR B 118 -14.93 -23.36 1.99
CA TYR B 118 -13.57 -23.69 1.57
C TYR B 118 -12.76 -22.40 1.65
N LEU B 119 -11.46 -22.52 1.89
CA LEU B 119 -10.61 -21.34 1.97
C LEU B 119 -10.63 -20.52 0.70
N ARG B 120 -10.72 -21.19 -0.45
CA ARG B 120 -10.74 -20.50 -1.74
C ARG B 120 -11.94 -19.58 -1.92
N LEU B 121 -12.96 -19.74 -1.08
CA LEU B 121 -14.15 -18.92 -1.18
C LEU B 121 -13.88 -17.50 -0.69
N PHE B 122 -12.66 -17.25 -0.24
CA PHE B 122 -12.27 -15.94 0.26
C PHE B 122 -11.12 -15.36 -0.55
N PRO B 123 -11.31 -14.15 -1.10
CA PRO B 123 -10.30 -13.46 -1.92
C PRO B 123 -8.89 -13.56 -1.35
N ASN B 124 -8.69 -13.00 -0.16
CA ASN B 124 -7.37 -13.01 0.47
C ASN B 124 -6.84 -14.44 0.66
N LEU B 125 -7.64 -15.29 1.29
CA LEU B 125 -7.26 -16.67 1.54
C LEU B 125 -7.00 -17.47 0.27
N ASN B 126 -7.87 -17.30 -0.73
CA ASN B 126 -7.74 -18.03 -1.98
C ASN B 126 -6.35 -17.85 -2.59
N VAL B 127 -5.71 -16.74 -2.26
CA VAL B 127 -4.36 -16.46 -2.77
C VAL B 127 -3.38 -17.44 -2.11
N PHE B 128 -3.49 -17.60 -0.80
CA PHE B 128 -2.62 -18.51 -0.06
C PHE B 128 -2.93 -19.94 -0.48
N VAL B 129 -4.19 -20.18 -0.84
CA VAL B 129 -4.61 -21.51 -1.28
C VAL B 129 -3.88 -21.89 -2.56
N ASN B 130 -3.60 -20.87 -3.38
CA ASN B 130 -2.92 -21.07 -4.65
C ASN B 130 -1.41 -20.96 -4.49
N SER B 131 -0.95 -20.74 -3.25
CA SER B 131 0.48 -20.60 -2.98
C SER B 131 0.98 -21.73 -2.08
N TYR B 132 0.38 -21.87 -0.91
CA TYR B 132 0.79 -22.92 0.02
C TYR B 132 -0.02 -24.19 -0.18
N SER B 133 0.56 -25.32 0.20
CA SER B 133 -0.08 -26.61 0.05
C SER B 133 -0.85 -27.01 1.30
N TYR B 134 -0.34 -26.62 2.47
CA TYR B 134 -1.00 -26.98 3.73
C TYR B 134 -1.09 -25.78 4.67
N PHE B 135 -1.77 -25.98 5.80
CA PHE B 135 -1.94 -24.93 6.80
C PHE B 135 -2.58 -25.49 8.07
N ARG B 136 -2.87 -24.61 9.01
CA ARG B 136 -3.50 -24.97 10.27
C ARG B 136 -3.91 -23.69 10.98
N GLY B 137 -4.73 -23.83 12.03
CA GLY B 137 -5.17 -22.67 12.77
C GLY B 137 -6.66 -22.49 12.71
N SER B 138 -7.19 -21.57 13.52
CA SER B 138 -8.62 -21.30 13.55
C SER B 138 -9.05 -20.32 12.48
N LEU B 139 -10.30 -20.41 12.07
CA LEU B 139 -10.86 -19.52 11.05
C LEU B 139 -11.98 -18.71 11.68
N VAL B 140 -12.03 -17.42 11.36
CA VAL B 140 -13.05 -16.54 11.91
C VAL B 140 -13.96 -15.97 10.83
N LEU B 141 -15.27 -16.13 11.04
CA LEU B 141 -16.26 -15.62 10.10
C LEU B 141 -17.07 -14.54 10.81
N ARG B 142 -17.26 -13.40 10.14
CA ARG B 142 -18.00 -12.31 10.73
C ARG B 142 -19.21 -11.91 9.90
N LEU B 143 -20.40 -12.17 10.45
CA LEU B 143 -21.65 -11.84 9.78
C LEU B 143 -22.07 -10.42 10.14
N SER B 144 -22.25 -9.58 9.13
CA SER B 144 -22.66 -8.21 9.34
C SER B 144 -24.03 -7.94 8.74
N VAL B 145 -25.04 -7.85 9.60
CA VAL B 145 -26.41 -7.59 9.15
C VAL B 145 -26.66 -6.08 9.22
N TYR B 146 -26.98 -5.49 8.07
CA TYR B 146 -27.23 -4.06 8.00
C TYR B 146 -28.72 -3.72 8.02
N ALA B 147 -29.24 -3.50 9.21
CA ALA B 147 -30.65 -3.16 9.40
C ALA B 147 -30.77 -1.76 10.00
N SER B 148 -32.00 -1.28 10.15
CA SER B 148 -32.24 0.04 10.71
C SER B 148 -32.27 -0.06 12.23
N THR B 149 -32.30 1.08 12.90
CA THR B 149 -32.32 1.10 14.36
C THR B 149 -33.63 0.58 14.94
N PHE B 150 -34.64 0.38 14.09
CA PHE B 150 -35.93 -0.11 14.55
C PHE B 150 -36.04 -1.63 14.45
N ASN B 151 -35.37 -2.20 13.45
CA ASN B 151 -35.40 -3.65 13.25
C ASN B 151 -34.83 -4.41 14.43
N ARG B 152 -35.49 -5.51 14.79
CA ARG B 152 -35.05 -6.35 15.90
C ARG B 152 -35.30 -7.81 15.59
N GLY B 153 -34.48 -8.68 16.17
CA GLY B 153 -34.63 -10.11 15.95
C GLY B 153 -33.35 -10.85 16.26
N ARG B 154 -33.42 -12.17 16.22
CA ARG B 154 -32.26 -13.01 16.49
C ARG B 154 -32.00 -13.96 15.34
N LEU B 155 -30.74 -14.37 15.20
CA LEU B 155 -30.34 -15.27 14.12
C LEU B 155 -29.19 -16.14 14.64
N ARG B 156 -29.34 -17.45 14.53
CA ARG B 156 -28.30 -18.37 14.98
C ARG B 156 -27.51 -18.95 13.83
N MET B 157 -26.20 -18.72 13.83
CA MET B 157 -25.34 -19.25 12.79
C MET B 157 -24.40 -20.28 13.41
N GLY B 158 -24.48 -21.51 12.91
CA GLY B 158 -23.64 -22.57 13.43
C GLY B 158 -22.64 -23.05 12.39
N PHE B 159 -21.79 -23.99 12.77
CA PHE B 159 -20.79 -24.51 11.86
C PHE B 159 -20.35 -25.92 12.25
N PHE B 160 -20.55 -26.87 11.35
CA PHE B 160 -20.15 -28.25 11.59
C PHE B 160 -18.82 -28.49 10.87
N PRO B 161 -17.72 -28.52 11.63
CA PRO B 161 -16.37 -28.73 11.09
C PRO B 161 -16.22 -29.96 10.18
N ASN B 162 -15.56 -29.75 9.04
CA ASN B 162 -15.31 -30.81 8.07
C ASN B 162 -16.57 -31.52 7.56
N ALA B 163 -17.72 -30.91 7.78
CA ALA B 163 -18.98 -31.50 7.31
C ALA B 163 -18.99 -31.37 5.79
N THR B 164 -19.64 -32.32 5.11
CA THR B 164 -19.69 -32.30 3.66
C THR B 164 -21.10 -32.33 3.07
N THR B 165 -22.04 -32.93 3.80
CA THR B 165 -23.41 -33.00 3.32
C THR B 165 -24.11 -31.65 3.43
N ASP B 166 -24.25 -30.96 2.30
CA ASP B 166 -24.89 -29.66 2.27
C ASP B 166 -26.40 -29.81 2.48
N SER B 167 -26.82 -29.90 3.74
CA SER B 167 -28.22 -30.04 4.08
C SER B 167 -28.55 -29.37 5.40
N THR B 168 -29.69 -28.70 5.46
CA THR B 168 -30.10 -28.01 6.68
C THR B 168 -30.21 -29.03 7.82
N SER B 169 -29.65 -28.68 8.97
CA SER B 169 -29.68 -29.56 10.12
C SER B 169 -29.60 -28.77 11.42
N THR B 170 -30.24 -29.29 12.47
CA THR B 170 -30.24 -28.63 13.77
C THR B 170 -28.82 -28.30 14.19
N LEU B 171 -28.62 -27.06 14.64
CA LEU B 171 -27.30 -26.60 15.05
C LEU B 171 -27.06 -26.71 16.55
N ASP B 172 -27.95 -27.38 17.27
CA ASP B 172 -27.81 -27.53 18.71
C ASP B 172 -26.48 -28.14 19.12
N ASN B 173 -25.92 -28.99 18.27
CA ASN B 173 -24.65 -29.63 18.58
C ASN B 173 -23.49 -29.02 17.81
N ALA B 174 -23.78 -28.05 16.95
CA ALA B 174 -22.75 -27.39 16.16
C ALA B 174 -22.24 -26.14 16.85
N ILE B 175 -21.06 -25.68 16.44
CA ILE B 175 -20.48 -24.47 17.01
C ILE B 175 -21.31 -23.31 16.47
N TYR B 176 -22.18 -22.77 17.31
CA TYR B 176 -23.03 -21.67 16.85
C TYR B 176 -22.91 -20.38 17.64
N THR B 177 -23.46 -19.31 17.08
CA THR B 177 -23.46 -17.99 17.69
C THR B 177 -24.81 -17.33 17.42
N ILE B 178 -25.50 -16.96 18.49
CA ILE B 178 -26.80 -16.32 18.35
C ILE B 178 -26.60 -14.81 18.20
N CYS B 179 -27.21 -14.23 17.18
CA CYS B 179 -27.07 -12.81 16.91
C CYS B 179 -28.33 -11.99 17.20
N ASP B 180 -28.25 -11.15 18.23
CA ASP B 180 -29.36 -10.29 18.60
C ASP B 180 -29.08 -8.88 18.06
N ILE B 181 -29.92 -8.43 17.13
CA ILE B 181 -29.75 -7.13 16.52
C ILE B 181 -29.75 -5.97 17.52
N GLY B 182 -28.75 -5.10 17.38
CA GLY B 182 -28.62 -3.95 18.26
C GLY B 182 -27.83 -2.85 17.59
N SER B 183 -26.83 -2.32 18.29
CA SER B 183 -25.98 -1.27 17.75
C SER B 183 -24.79 -1.86 17.00
N ASP B 184 -24.23 -2.93 17.55
CA ASP B 184 -23.09 -3.60 16.93
C ASP B 184 -23.63 -4.83 16.20
N ASN B 185 -24.07 -4.63 14.97
CA ASN B 185 -24.64 -5.73 14.18
C ASN B 185 -23.65 -6.50 13.31
N SER B 186 -22.55 -6.93 13.90
CA SER B 186 -21.54 -7.70 13.18
C SER B 186 -21.00 -8.78 14.11
N PHE B 187 -21.72 -9.90 14.18
CA PHE B 187 -21.33 -11.02 15.03
C PHE B 187 -20.32 -11.93 14.36
N GLU B 188 -19.44 -12.52 15.17
CA GLU B 188 -18.41 -13.42 14.66
C GLU B 188 -18.62 -14.87 15.11
N ILE B 189 -17.72 -15.73 14.68
CA ILE B 189 -17.75 -17.15 15.01
C ILE B 189 -16.39 -17.77 14.67
N THR B 190 -15.75 -18.38 15.65
CA THR B 190 -14.44 -18.99 15.45
C THR B 190 -14.50 -20.51 15.30
N ILE B 191 -13.66 -21.03 14.40
CA ILE B 191 -13.61 -22.46 14.14
C ILE B 191 -12.20 -22.98 14.39
N PRO B 192 -11.96 -23.56 15.58
CA PRO B 192 -10.65 -24.11 15.96
C PRO B 192 -10.17 -25.14 14.95
N TYR B 193 -8.86 -25.21 14.75
CA TYR B 193 -8.30 -26.17 13.80
C TYR B 193 -8.87 -27.55 14.11
N SER B 194 -9.36 -28.23 13.07
CA SER B 194 -9.93 -29.56 13.25
C SER B 194 -9.69 -30.45 12.05
N PHE B 195 -8.73 -31.36 12.19
CA PHE B 195 -8.39 -32.31 11.14
C PHE B 195 -7.69 -33.51 11.76
N SER B 196 -7.57 -34.59 11.01
CA SER B 196 -6.93 -35.82 11.50
C SER B 196 -5.42 -35.65 11.48
N THR B 197 -4.96 -34.52 10.96
CA THR B 197 -3.54 -34.26 10.89
C THR B 197 -3.12 -32.96 11.57
N TRP B 198 -1.81 -32.83 11.79
CA TRP B 198 -1.22 -31.67 12.43
C TRP B 198 -1.15 -30.52 11.43
N MET B 199 -1.46 -30.84 10.18
CA MET B 199 -1.41 -29.86 9.10
C MET B 199 -2.37 -30.34 8.01
N ARG B 200 -3.25 -29.47 7.53
CA ARG B 200 -4.21 -29.88 6.50
C ARG B 200 -4.06 -29.16 5.17
N LYS B 201 -4.52 -29.82 4.11
CA LYS B 201 -4.48 -29.27 2.76
C LYS B 201 -5.16 -27.92 2.66
N THR B 202 -4.49 -26.96 2.01
CA THR B 202 -5.04 -25.63 1.83
C THR B 202 -6.16 -25.72 0.81
N ASN B 203 -6.11 -26.76 -0.02
CA ASN B 203 -7.11 -27.00 -1.04
C ASN B 203 -7.42 -28.49 -1.11
N GLY B 204 -8.40 -28.91 -0.32
CA GLY B 204 -8.77 -30.31 -0.31
C GLY B 204 -10.12 -30.56 0.34
N HIS B 205 -10.11 -30.95 1.60
CA HIS B 205 -11.34 -31.22 2.33
C HIS B 205 -11.96 -29.92 2.83
N PRO B 206 -13.29 -29.79 2.72
CA PRO B 206 -14.02 -28.61 3.17
C PRO B 206 -13.72 -28.24 4.62
N ILE B 207 -13.96 -26.99 4.98
CA ILE B 207 -13.72 -26.53 6.33
C ILE B 207 -14.89 -26.99 7.20
N GLY B 208 -16.04 -27.17 6.57
CA GLY B 208 -17.22 -27.61 7.29
C GLY B 208 -18.49 -27.01 6.73
N LEU B 209 -19.62 -27.33 7.35
CA LEU B 209 -20.92 -26.83 6.92
C LEU B 209 -21.27 -25.54 7.65
N PHE B 210 -21.52 -24.48 6.88
CA PHE B 210 -21.88 -23.18 7.45
C PHE B 210 -23.36 -22.91 7.23
N GLN B 211 -24.09 -22.77 8.33
CA GLN B 211 -25.52 -22.51 8.25
C GLN B 211 -25.97 -21.39 9.17
N ILE B 212 -26.80 -20.50 8.63
CA ILE B 212 -27.32 -19.37 9.38
C ILE B 212 -28.84 -19.44 9.36
N GLU B 213 -29.42 -20.01 10.41
CA GLU B 213 -30.87 -20.17 10.49
C GLU B 213 -31.54 -19.03 11.25
N VAL B 214 -32.81 -18.81 10.94
CA VAL B 214 -33.59 -17.77 11.59
C VAL B 214 -34.03 -18.27 12.96
N LEU B 215 -33.85 -17.44 13.98
CA LEU B 215 -34.24 -17.81 15.33
C LEU B 215 -35.53 -17.07 15.68
N ASN B 216 -35.54 -15.78 15.36
CA ASN B 216 -36.70 -14.92 15.61
C ASN B 216 -36.92 -13.98 14.42
N ARG B 217 -38.07 -14.11 13.78
CA ARG B 217 -38.41 -13.29 12.61
C ARG B 217 -38.02 -11.82 12.74
N LEU B 218 -37.38 -11.29 11.71
CA LEU B 218 -36.96 -9.89 11.71
C LEU B 218 -38.21 -9.01 11.80
N THR B 219 -38.35 -8.32 12.93
CA THR B 219 -39.49 -7.45 13.14
C THR B 219 -39.23 -6.06 12.56
N TYR B 220 -40.31 -5.32 12.31
CA TYR B 220 -40.20 -3.98 11.73
C TYR B 220 -41.45 -3.16 12.02
N ASN B 221 -41.51 -1.97 11.45
CA ASN B 221 -42.66 -1.08 11.63
C ASN B 221 -42.93 -0.29 10.35
N SER B 222 -43.93 0.57 10.40
CA SER B 222 -44.33 1.37 9.25
C SER B 222 -43.20 2.05 8.47
N SER B 223 -42.20 2.56 9.18
CA SER B 223 -41.09 3.24 8.51
C SER B 223 -39.75 2.49 8.48
N SER B 224 -39.78 1.18 8.71
CA SER B 224 -38.55 0.38 8.69
C SER B 224 -38.66 -0.77 7.68
N PRO B 225 -37.52 -1.22 7.12
CA PRO B 225 -37.50 -2.32 6.15
C PRO B 225 -37.97 -3.67 6.69
N SER B 226 -38.63 -4.45 5.82
CA SER B 226 -39.14 -5.76 6.20
C SER B 226 -38.10 -6.85 5.94
N GLU B 227 -36.96 -6.44 5.39
CA GLU B 227 -35.87 -7.37 5.08
C GLU B 227 -34.58 -6.57 4.94
N VAL B 228 -33.48 -7.13 5.41
CA VAL B 228 -32.19 -6.45 5.35
C VAL B 228 -31.10 -7.25 4.63
N TYR B 229 -29.98 -6.59 4.37
CA TYR B 229 -28.86 -7.23 3.70
C TYR B 229 -27.81 -7.72 4.69
N CYS B 230 -27.15 -8.82 4.35
CA CYS B 230 -26.13 -9.40 5.21
C CYS B 230 -24.84 -9.67 4.45
N ILE B 231 -23.72 -9.59 5.14
CA ILE B 231 -22.42 -9.84 4.54
C ILE B 231 -21.59 -10.78 5.41
N VAL B 232 -20.99 -11.78 4.79
CA VAL B 232 -20.17 -12.74 5.52
C VAL B 232 -18.70 -12.64 5.12
N GLN B 233 -17.86 -12.33 6.09
CA GLN B 233 -16.42 -12.19 5.85
C GLN B 233 -15.67 -13.34 6.51
N GLY B 234 -14.45 -13.58 6.05
CA GLY B 234 -13.65 -14.65 6.62
C GLY B 234 -12.18 -14.32 6.68
N LYS B 235 -11.51 -14.76 7.74
CA LYS B 235 -10.10 -14.52 7.92
C LYS B 235 -9.49 -15.64 8.75
N MET B 236 -8.18 -15.58 8.97
CA MET B 236 -7.49 -16.60 9.75
C MET B 236 -7.32 -16.14 11.19
N GLY B 237 -7.22 -17.09 12.10
CA GLY B 237 -7.04 -16.76 13.51
C GLY B 237 -5.63 -16.32 13.81
N GLN B 238 -5.40 -15.85 15.03
CA GLN B 238 -4.08 -15.39 15.44
C GLN B 238 -3.08 -16.53 15.50
N ASP B 239 -3.58 -17.76 15.43
CA ASP B 239 -2.73 -18.95 15.47
C ASP B 239 -2.57 -19.55 14.08
N ALA B 240 -3.08 -18.84 13.07
CA ALA B 240 -3.01 -19.30 11.70
C ALA B 240 -1.57 -19.47 11.22
N ARG B 241 -1.37 -20.45 10.36
CA ARG B 241 -0.06 -20.76 9.80
C ARG B 241 -0.28 -21.44 8.45
N PHE B 242 0.71 -21.32 7.57
CA PHE B 242 0.68 -21.94 6.27
C PHE B 242 2.03 -22.63 6.19
N PHE B 243 2.14 -23.72 5.45
CA PHE B 243 3.42 -24.42 5.48
C PHE B 243 4.22 -24.68 4.24
N CYS B 244 3.69 -25.51 3.36
CA CYS B 244 4.43 -25.78 2.16
C CYS B 244 3.93 -25.01 1.00
N PRO B 245 4.83 -24.45 0.21
CA PRO B 245 4.34 -23.71 -0.94
C PRO B 245 4.23 -24.75 -2.03
N THR B 246 3.13 -24.73 -2.77
CA THR B 246 2.93 -25.69 -3.84
C THR B 246 2.67 -24.99 -5.16
N GLY B 247 2.39 -25.76 -6.19
CA GLY B 247 2.12 -25.17 -7.49
C GLY B 247 0.84 -24.37 -7.43
N SER B 248 0.41 -23.85 -8.57
CA SER B 248 -0.81 -23.07 -8.64
C SER B 248 -1.94 -23.87 -9.25
N VAL B 249 -3.16 -23.59 -8.79
CA VAL B 249 -4.35 -24.26 -9.28
C VAL B 249 -5.20 -23.30 -10.08
N VAL B 250 -4.83 -22.03 -10.06
CA VAL B 250 -5.56 -20.99 -10.79
C VAL B 250 -4.62 -19.85 -11.15
N THR B 251 -5.05 -19.02 -12.10
CA THR B 251 -4.24 -17.88 -12.53
C THR B 251 -4.97 -16.57 -12.26
N PHE B 252 -4.33 -15.69 -11.50
CA PHE B 252 -4.91 -14.39 -11.17
C PHE B 252 -4.72 -13.38 -12.30
N GLN B 253 -5.21 -12.17 -12.08
CA GLN B 253 -5.12 -11.10 -13.07
C GLN B 253 -4.86 -9.75 -12.41
N VAL C 32 53.38 54.21 3.17
CA VAL C 32 54.57 54.64 2.38
C VAL C 32 54.29 55.95 1.66
N GLY C 33 53.04 56.40 1.72
CA GLY C 33 52.66 57.63 1.07
C GLY C 33 51.25 57.55 0.52
N ASN C 34 50.74 58.70 0.07
CA ASN C 34 49.41 58.83 -0.51
C ASN C 34 48.24 58.80 0.49
N GLU C 35 48.53 58.90 1.78
CA GLU C 35 47.46 58.95 2.78
C GLU C 35 47.96 59.81 3.94
N ILE C 36 49.28 59.84 4.10
CA ILE C 36 49.97 60.60 5.14
C ILE C 36 49.54 62.07 5.20
N GLY C 37 48.64 62.48 4.32
CA GLY C 37 48.22 63.87 4.33
C GLY C 37 47.68 64.40 5.65
N GLY C 38 47.22 63.51 6.52
CA GLY C 38 46.69 63.94 7.80
C GLY C 38 47.72 64.21 8.89
N ASN C 39 48.66 63.29 9.12
CA ASN C 39 49.64 63.52 10.18
C ASN C 39 50.92 64.25 9.75
N LEU C 40 50.95 64.68 8.49
CA LEU C 40 52.10 65.43 7.97
C LEU C 40 51.68 66.90 7.87
N LEU C 41 50.47 67.18 8.35
CA LEU C 41 49.94 68.53 8.33
C LEU C 41 49.40 68.81 9.72
N THR C 42 48.90 67.77 10.37
CA THR C 42 48.36 67.87 11.72
C THR C 42 49.51 68.04 12.71
N LYS C 43 50.62 67.36 12.42
CA LYS C 43 51.80 67.42 13.29
C LYS C 43 52.61 68.68 13.07
N VAL C 44 52.93 68.98 11.81
CA VAL C 44 53.72 70.16 11.48
C VAL C 44 53.22 71.40 12.24
N ALA C 45 51.91 71.61 12.22
CA ALA C 45 51.31 72.74 12.93
C ALA C 45 51.48 72.54 14.42
N ASP C 46 51.26 71.31 14.88
CA ASP C 46 51.39 70.98 16.30
C ASP C 46 52.84 71.17 16.74
N ASP C 47 53.73 71.35 15.77
CA ASP C 47 55.14 71.57 16.05
C ASP C 47 55.49 73.05 15.96
N ALA C 48 54.70 73.80 15.19
CA ALA C 48 54.93 75.23 15.02
C ALA C 48 53.76 76.03 15.59
N SER C 49 53.23 75.56 16.72
CA SER C 49 52.11 76.24 17.36
C SER C 49 52.53 77.11 18.53
N ASN C 50 51.83 78.21 18.71
CA ASN C 50 52.11 79.13 19.80
C ASN C 50 50.98 79.05 20.82
N ILE C 51 51.03 79.91 21.85
CA ILE C 51 50.00 79.92 22.88
C ILE C 51 48.59 79.90 22.30
N LEU C 52 48.44 80.39 21.08
CA LEU C 52 47.15 80.43 20.42
C LEU C 52 46.79 79.08 19.81
N GLY C 53 47.65 78.10 20.00
CA GLY C 53 47.42 76.77 19.46
C GLY C 53 47.71 76.67 17.97
N PRO C 54 47.55 75.47 17.38
CA PRO C 54 47.80 75.24 15.96
C PRO C 54 46.90 76.09 15.06
N ASN C 55 47.42 76.46 13.89
CA ASN C 55 46.67 77.26 12.94
C ASN C 55 46.17 76.41 11.79
N CYS C 56 46.21 75.09 11.97
CA CYS C 56 45.76 74.17 10.92
C CYS C 56 45.63 72.73 11.39
N PHE C 57 44.59 72.05 10.93
CA PHE C 57 44.34 70.66 11.26
C PHE C 57 43.99 69.90 9.98
N ALA C 58 44.61 68.75 9.78
CA ALA C 58 44.35 67.95 8.59
C ALA C 58 44.07 66.50 8.93
N THR C 59 42.98 65.97 8.39
CA THR C 59 42.60 64.59 8.65
C THR C 59 42.32 63.85 7.35
N THR C 60 42.89 62.66 7.21
CA THR C 60 42.71 61.85 6.01
C THR C 60 42.06 60.52 6.37
N ALA C 61 41.21 60.02 5.47
CA ALA C 61 40.52 58.75 5.68
C ALA C 61 39.91 58.25 4.38
N GLU C 62 39.15 57.16 4.47
CA GLU C 62 38.50 56.58 3.30
C GLU C 62 37.16 57.25 3.02
N PRO C 63 36.79 57.36 1.72
CA PRO C 63 35.54 57.99 1.31
C PRO C 63 34.34 57.16 1.78
N GLU C 64 33.18 57.79 1.89
CA GLU C 64 31.98 57.08 2.30
C GLU C 64 31.64 56.03 1.24
N ASN C 65 31.89 56.39 -0.03
CA ASN C 65 31.63 55.49 -1.13
C ASN C 65 32.89 54.67 -1.42
N LYS C 66 33.00 53.54 -0.73
CA LYS C 66 34.16 52.66 -0.87
C LYS C 66 33.92 51.61 -1.95
N ASN C 67 34.97 50.87 -2.30
CA ASN C 67 34.88 49.83 -3.31
C ASN C 67 34.44 48.52 -2.67
N VAL C 68 33.13 48.35 -2.53
CA VAL C 68 32.58 47.13 -1.94
C VAL C 68 31.48 46.53 -2.79
N VAL C 69 31.05 45.34 -2.42
CA VAL C 69 30.00 44.63 -3.15
C VAL C 69 28.97 44.10 -2.15
N GLN C 70 27.69 44.31 -2.46
CA GLN C 70 26.62 43.86 -1.60
C GLN C 70 25.78 42.77 -2.26
N ALA C 71 25.34 41.80 -1.47
CA ALA C 71 24.54 40.70 -1.97
C ALA C 71 23.32 40.50 -1.07
N THR C 72 22.14 40.39 -1.67
CA THR C 72 20.91 40.21 -0.91
C THR C 72 20.11 39.03 -1.46
N THR C 73 19.68 38.15 -0.58
CA THR C 73 18.91 36.99 -0.98
C THR C 73 17.55 36.87 -0.33
N THR C 74 16.52 36.75 -1.17
CA THR C 74 15.15 36.58 -0.68
C THR C 74 14.82 35.15 -1.09
N VAL C 75 13.56 34.76 -0.95
CA VAL C 75 13.14 33.40 -1.30
C VAL C 75 13.52 33.01 -2.73
N ASN C 76 14.48 32.10 -2.86
CA ASN C 76 14.94 31.62 -4.17
C ASN C 76 15.41 32.74 -5.10
N THR C 77 15.93 33.81 -4.51
CA THR C 77 16.42 34.93 -5.31
C THR C 77 17.72 35.47 -4.72
N THR C 78 18.55 36.06 -5.57
CA THR C 78 19.82 36.63 -5.13
C THR C 78 20.13 37.88 -5.94
N ASN C 79 20.21 39.02 -5.26
CA ASN C 79 20.51 40.28 -5.91
C ASN C 79 21.95 40.67 -5.67
N LEU C 80 22.71 40.81 -6.75
CA LEU C 80 24.13 41.17 -6.66
C LEU C 80 24.35 42.60 -7.15
N THR C 81 24.83 43.45 -6.24
CA THR C 81 25.11 44.84 -6.56
C THR C 81 26.56 45.16 -6.22
N GLN C 82 27.27 45.78 -7.16
CA GLN C 82 28.67 46.12 -6.93
C GLN C 82 28.85 47.61 -6.67
N HIS C 83 27.74 48.35 -6.67
CA HIS C 83 27.76 49.78 -6.41
C HIS C 83 26.66 50.13 -5.41
N PRO C 84 26.70 49.52 -4.21
CA PRO C 84 25.71 49.76 -3.17
C PRO C 84 25.78 51.13 -2.52
N SER C 85 24.70 51.50 -1.84
CA SER C 85 24.60 52.78 -1.14
C SER C 85 24.00 52.52 0.24
N ALA C 86 24.28 53.41 1.18
CA ALA C 86 23.76 53.27 2.54
C ALA C 86 22.24 53.13 2.58
N PRO C 87 21.74 51.98 3.05
CA PRO C 87 20.29 51.71 3.14
C PRO C 87 19.61 52.72 4.06
N THR C 88 18.39 53.13 3.71
CA THR C 88 17.66 54.09 4.52
C THR C 88 16.43 53.48 5.19
N MET C 89 15.82 54.24 6.08
CA MET C 89 14.63 53.80 6.80
C MET C 89 14.06 54.96 7.62
N PRO C 90 12.75 54.92 7.92
CA PRO C 90 12.09 55.98 8.70
C PRO C 90 12.68 56.22 10.08
N PHE C 91 12.21 57.25 10.76
CA PHE C 91 12.67 57.59 12.10
C PHE C 91 12.24 56.58 13.18
N SER C 92 13.19 56.07 13.94
CA SER C 92 12.97 55.14 15.04
C SER C 92 11.88 54.13 14.68
N PRO C 93 12.03 53.48 13.53
CA PRO C 93 11.10 52.50 13.00
C PRO C 93 10.90 51.18 13.76
N ASP C 94 9.70 50.62 13.60
CA ASP C 94 9.33 49.35 14.23
C ASP C 94 8.98 48.32 13.14
N PHE C 95 9.86 47.35 12.91
CA PHE C 95 9.63 46.33 11.88
C PHE C 95 8.99 45.03 12.37
N SER C 96 8.50 45.01 13.61
CA SER C 96 7.86 43.82 14.14
C SER C 96 6.64 43.48 13.27
N ASN C 97 6.06 44.53 12.68
CA ASN C 97 4.91 44.39 11.80
C ASN C 97 3.69 43.72 12.45
N VAL C 98 3.73 43.54 13.75
CA VAL C 98 2.62 42.91 14.46
C VAL C 98 1.71 43.96 15.11
N ASP C 99 0.42 43.92 14.77
CA ASP C 99 -0.54 44.85 15.34
C ASP C 99 -0.81 44.49 16.79
N ASN C 100 -0.24 45.26 17.70
CA ASN C 100 -0.40 45.03 19.13
C ASN C 100 -1.85 45.13 19.62
N PHE C 101 -2.72 45.71 18.81
CA PHE C 101 -4.12 45.84 19.18
C PHE C 101 -4.96 44.68 18.65
N HIS C 102 -4.36 43.91 17.75
CA HIS C 102 -5.02 42.75 17.16
C HIS C 102 -6.36 43.07 16.51
N SER C 103 -6.40 44.18 15.75
CA SER C 103 -7.62 44.61 15.05
C SER C 103 -8.15 43.45 14.22
N MET C 104 -7.31 42.44 14.09
CA MET C 104 -7.65 41.22 13.39
C MET C 104 -7.37 40.15 14.42
N ALA C 105 -8.43 39.60 14.99
CA ALA C 105 -8.31 38.56 15.98
C ALA C 105 -8.31 37.24 15.21
N TYR C 106 -7.12 36.71 15.00
CA TYR C 106 -6.91 35.46 14.29
C TYR C 106 -5.48 35.09 14.65
N ASP C 107 -5.06 33.89 14.29
CA ASP C 107 -3.69 33.50 14.60
C ASP C 107 -2.80 34.14 13.53
N ILE C 108 -1.62 34.59 13.95
CA ILE C 108 -0.70 35.23 13.02
C ILE C 108 -0.38 34.34 11.83
N THR C 109 -0.38 33.03 12.05
CA THR C 109 -0.07 32.07 10.99
C THR C 109 -1.32 31.58 10.26
N THR C 110 -2.41 32.34 10.36
CA THR C 110 -3.66 31.98 9.71
C THR C 110 -3.48 31.84 8.20
N GLY C 111 -3.00 32.90 7.58
CA GLY C 111 -2.80 32.88 6.13
C GLY C 111 -1.93 31.74 5.66
N ASP C 112 -0.91 31.41 6.46
CA ASP C 112 0.02 30.34 6.11
C ASP C 112 -0.66 28.98 6.09
N LYS C 113 -1.38 28.66 7.16
CA LYS C 113 -2.08 27.39 7.29
C LYS C 113 -3.37 27.29 6.49
N ASN C 114 -3.90 28.44 6.07
CA ASN C 114 -5.14 28.48 5.31
C ASN C 114 -5.31 27.39 4.25
N PRO C 115 -4.29 27.17 3.41
CA PRO C 115 -4.39 26.13 2.38
C PRO C 115 -4.57 24.69 2.87
N SER C 116 -4.24 24.44 4.13
CA SER C 116 -4.39 23.09 4.69
C SER C 116 -5.79 22.93 5.27
N LYS C 117 -6.55 24.01 5.28
CA LYS C 117 -7.90 24.05 5.80
C LYS C 117 -8.80 22.95 5.24
N LEU C 118 -9.77 22.53 6.04
CA LEU C 118 -10.73 21.50 5.63
C LEU C 118 -11.66 22.08 4.59
N VAL C 119 -11.95 21.32 3.54
CA VAL C 119 -12.83 21.80 2.49
C VAL C 119 -13.73 20.71 1.93
N ARG C 120 -14.81 21.11 1.27
CA ARG C 120 -15.75 20.17 0.67
C ARG C 120 -15.21 19.75 -0.68
N LEU C 121 -14.81 18.48 -0.78
CA LEU C 121 -14.24 17.96 -2.01
C LEU C 121 -15.29 17.41 -2.97
N GLU C 122 -16.39 16.86 -2.43
CA GLU C 122 -17.44 16.31 -3.27
C GLU C 122 -18.75 16.06 -2.52
N THR C 123 -19.84 16.00 -3.29
CA THR C 123 -21.17 15.75 -2.74
C THR C 123 -22.07 15.18 -3.84
N HIS C 124 -22.22 13.86 -3.85
CA HIS C 124 -23.05 13.20 -4.85
C HIS C 124 -24.26 12.59 -4.15
N GLU C 125 -25.30 12.27 -4.91
CA GLU C 125 -26.50 11.69 -4.34
C GLU C 125 -26.59 10.18 -4.50
N TRP C 126 -26.77 9.49 -3.38
CA TRP C 126 -26.87 8.04 -3.33
C TRP C 126 -28.18 7.62 -3.99
N THR C 127 -28.13 7.40 -5.31
CA THR C 127 -29.32 7.00 -6.05
C THR C 127 -29.78 5.60 -5.65
N PRO C 128 -30.98 5.48 -5.07
CA PRO C 128 -31.49 4.18 -4.64
C PRO C 128 -31.43 3.18 -5.80
N SER C 129 -31.52 1.90 -5.46
CA SER C 129 -31.47 0.80 -6.44
C SER C 129 -30.10 0.66 -7.10
N TRP C 130 -29.04 0.84 -6.31
CA TRP C 130 -27.69 0.71 -6.81
C TRP C 130 -27.06 -0.52 -6.16
N ALA C 131 -26.87 -1.57 -6.95
CA ALA C 131 -26.31 -2.83 -6.47
C ALA C 131 -24.99 -2.65 -5.71
N ARG C 132 -24.61 -3.68 -4.96
CA ARG C 132 -23.38 -3.64 -4.18
C ARG C 132 -22.18 -3.51 -5.13
N GLY C 133 -21.12 -2.88 -4.64
CA GLY C 133 -19.94 -2.72 -5.46
C GLY C 133 -20.00 -1.48 -6.34
N TYR C 134 -21.19 -1.00 -6.60
CA TYR C 134 -21.36 0.18 -7.42
C TYR C 134 -20.64 1.37 -6.80
N GLN C 135 -19.93 2.12 -7.63
CA GLN C 135 -19.19 3.29 -7.16
C GLN C 135 -20.09 4.50 -7.03
N ILE C 136 -20.28 4.96 -5.79
CA ILE C 136 -21.12 6.12 -5.51
C ILE C 136 -20.47 7.37 -6.09
N THR C 137 -19.26 7.67 -5.62
CA THR C 137 -18.54 8.84 -6.08
C THR C 137 -17.04 8.70 -5.83
N HIS C 138 -16.24 9.39 -6.66
CA HIS C 138 -14.80 9.35 -6.53
C HIS C 138 -14.28 10.76 -6.31
N VAL C 139 -12.96 10.90 -6.25
CA VAL C 139 -12.35 12.21 -6.05
C VAL C 139 -10.87 12.20 -6.46
N GLU C 140 -10.53 13.03 -7.44
CA GLU C 140 -9.17 13.11 -7.94
C GLU C 140 -8.19 13.61 -6.88
N LEU C 141 -7.35 12.70 -6.40
CA LEU C 141 -6.36 13.04 -5.39
C LEU C 141 -5.02 13.19 -6.10
N PRO C 142 -4.26 14.25 -5.77
CA PRO C 142 -4.57 15.31 -4.81
C PRO C 142 -5.07 16.59 -5.46
N LYS C 143 -5.11 16.60 -6.80
CA LYS C 143 -5.54 17.79 -7.53
C LYS C 143 -6.94 18.31 -7.21
N VAL C 144 -7.70 17.56 -6.43
CA VAL C 144 -9.06 17.98 -6.08
C VAL C 144 -9.05 19.14 -5.09
N PHE C 145 -8.00 19.26 -4.29
CA PHE C 145 -7.91 20.34 -3.31
C PHE C 145 -7.73 21.68 -4.01
N TRP C 146 -7.54 21.64 -5.33
CA TRP C 146 -7.35 22.84 -6.14
C TRP C 146 -8.41 22.74 -7.22
N ASP C 147 -9.47 22.02 -6.89
CA ASP C 147 -10.61 21.76 -7.76
C ASP C 147 -11.16 22.99 -8.47
N HIS C 148 -11.29 24.08 -7.72
CA HIS C 148 -11.80 25.33 -8.26
C HIS C 148 -10.93 26.46 -7.73
N GLN C 149 -11.00 27.62 -8.35
CA GLN C 149 -10.21 28.76 -7.92
C GLN C 149 -10.72 29.29 -6.58
N ASP C 150 -11.74 28.63 -6.03
CA ASP C 150 -12.30 29.04 -4.75
C ASP C 150 -11.81 28.13 -3.62
N LYS C 151 -10.76 27.37 -3.89
CA LYS C 151 -10.19 26.48 -2.90
C LYS C 151 -9.02 27.17 -2.22
N PRO C 152 -9.01 27.21 -0.88
CA PRO C 152 -7.93 27.85 -0.11
C PRO C 152 -6.53 27.49 -0.59
N ALA C 153 -6.34 26.25 -1.02
CA ALA C 153 -5.04 25.78 -1.49
C ALA C 153 -4.80 26.07 -2.96
N TYR C 154 -5.84 26.44 -3.70
CA TYR C 154 -5.71 26.73 -5.12
C TYR C 154 -4.66 27.80 -5.39
N GLY C 155 -4.61 28.82 -4.53
CA GLY C 155 -3.66 29.90 -4.70
C GLY C 155 -2.23 29.44 -4.86
N GLN C 156 -1.66 28.89 -3.78
CA GLN C 156 -0.28 28.42 -3.78
C GLN C 156 -0.02 27.30 -4.78
N SER C 157 -0.91 26.31 -4.80
CA SER C 157 -0.78 25.17 -5.70
C SER C 157 -0.38 25.56 -7.13
N ARG C 158 -0.73 26.77 -7.52
CA ARG C 158 -0.43 27.26 -8.87
C ARG C 158 1.01 27.69 -9.11
N TYR C 159 1.75 27.97 -8.04
CA TYR C 159 3.13 28.42 -8.16
C TYR C 159 4.15 27.31 -7.91
N PHE C 160 3.68 26.08 -7.81
CA PHE C 160 4.57 24.95 -7.56
C PHE C 160 4.15 23.71 -8.34
N ALA C 161 5.13 22.99 -8.88
CA ALA C 161 4.85 21.80 -9.67
C ALA C 161 4.93 20.50 -8.86
N ALA C 162 5.66 20.53 -7.75
CA ALA C 162 5.81 19.34 -6.91
C ALA C 162 5.02 19.44 -5.62
N VAL C 163 4.49 18.30 -5.17
CA VAL C 163 3.72 18.25 -3.93
C VAL C 163 3.94 16.95 -3.15
N ARG C 164 3.95 17.08 -1.83
CA ARG C 164 4.12 15.95 -0.92
C ARG C 164 3.25 16.30 0.28
N CYS C 165 2.14 15.60 0.44
CA CYS C 165 1.23 15.89 1.54
C CYS C 165 0.47 14.72 2.14
N GLY C 166 -0.10 14.94 3.31
CA GLY C 166 -0.88 13.93 4.01
C GLY C 166 -2.32 14.38 4.01
N PHE C 167 -3.25 13.43 4.08
CA PHE C 167 -4.67 13.75 4.06
C PHE C 167 -5.45 13.33 5.29
N HIS C 168 -6.60 13.96 5.49
CA HIS C 168 -7.50 13.66 6.58
C HIS C 168 -8.91 13.84 6.03
N PHE C 169 -9.49 12.74 5.57
CA PHE C 169 -10.83 12.77 4.98
C PHE C 169 -11.93 12.56 6.01
N GLN C 170 -13.11 13.07 5.68
CA GLN C 170 -14.29 12.94 6.54
C GLN C 170 -15.52 12.79 5.67
N VAL C 171 -15.78 11.56 5.23
CA VAL C 171 -16.93 11.27 4.39
C VAL C 171 -18.19 11.26 5.25
N GLN C 172 -19.12 12.14 4.93
CA GLN C 172 -20.37 12.25 5.68
C GLN C 172 -21.58 11.79 4.91
N VAL C 173 -22.38 10.93 5.53
CA VAL C 173 -23.60 10.39 4.93
C VAL C 173 -24.68 10.32 6.00
N ASN C 174 -25.73 11.12 5.83
CA ASN C 174 -26.82 11.14 6.80
C ASN C 174 -28.09 10.48 6.29
N VAL C 175 -28.68 9.64 7.13
CA VAL C 175 -29.91 8.92 6.78
C VAL C 175 -30.78 8.75 8.01
N ASN C 176 -32.08 9.00 7.86
CA ASN C 176 -33.02 8.88 8.98
C ASN C 176 -32.90 7.49 9.60
N GLN C 177 -33.41 7.35 10.83
CA GLN C 177 -33.35 6.09 11.53
C GLN C 177 -34.12 4.96 10.85
N GLY C 178 -35.27 5.29 10.28
CA GLY C 178 -36.08 4.29 9.62
C GLY C 178 -35.35 3.51 8.54
N THR C 179 -34.50 4.21 7.78
CA THR C 179 -33.75 3.59 6.69
C THR C 179 -32.48 2.90 7.18
N ALA C 180 -31.90 2.06 6.32
CA ALA C 180 -30.68 1.33 6.63
C ALA C 180 -29.81 1.19 5.38
N GLY C 181 -28.60 0.67 5.57
CA GLY C 181 -27.68 0.49 4.45
C GLY C 181 -26.24 0.63 4.90
N SER C 182 -25.30 0.45 3.97
CA SER C 182 -23.88 0.56 4.30
C SER C 182 -23.06 0.91 3.08
N ALA C 183 -22.07 1.79 3.27
CA ALA C 183 -21.20 2.22 2.19
C ALA C 183 -19.74 1.96 2.54
N LEU C 184 -18.92 1.74 1.51
CA LEU C 184 -17.50 1.49 1.71
C LEU C 184 -16.64 2.68 1.31
N VAL C 185 -16.12 3.39 2.30
CA VAL C 185 -15.26 4.53 2.04
C VAL C 185 -13.83 4.01 2.08
N VAL C 186 -13.17 4.00 0.93
CA VAL C 186 -11.81 3.49 0.87
C VAL C 186 -10.87 4.34 0.02
N TYR C 187 -9.60 4.39 0.43
CA TYR C 187 -8.58 5.13 -0.29
C TYR C 187 -7.88 4.20 -1.26
N GLU C 188 -7.80 4.62 -2.53
CA GLU C 188 -7.17 3.83 -3.56
C GLU C 188 -5.97 4.52 -4.21
N PRO C 189 -4.75 4.10 -3.87
CA PRO C 189 -3.55 4.72 -4.46
C PRO C 189 -3.59 4.53 -5.97
N LYS C 190 -2.73 5.25 -6.68
CA LYS C 190 -2.68 5.14 -8.13
C LYS C 190 -2.62 3.66 -8.57
N PRO C 191 -1.80 2.85 -7.88
CA PRO C 191 -1.70 1.43 -8.23
C PRO C 191 -3.06 0.75 -8.30
N VAL C 192 -3.90 0.98 -7.28
CA VAL C 192 -5.23 0.40 -7.22
C VAL C 192 -6.12 0.97 -8.31
N VAL C 193 -6.16 2.30 -8.39
CA VAL C 193 -6.99 2.99 -9.39
C VAL C 193 -6.66 2.49 -10.79
N THR C 194 -5.37 2.27 -11.06
CA THR C 194 -4.91 1.80 -12.36
C THR C 194 -5.51 0.44 -12.66
N TYR C 195 -5.24 -0.52 -11.78
CA TYR C 195 -5.75 -1.87 -11.92
C TYR C 195 -6.86 -1.98 -10.88
N ASP C 196 -8.04 -1.51 -11.25
CA ASP C 196 -9.19 -1.53 -10.36
C ASP C 196 -10.04 -2.74 -10.69
N SER C 197 -10.25 -2.95 -11.98
CA SER C 197 -11.05 -4.07 -12.47
C SER C 197 -10.41 -5.42 -12.19
N LYS C 198 -9.10 -5.42 -11.99
CA LYS C 198 -8.38 -6.67 -11.72
C LYS C 198 -8.44 -7.06 -10.24
N LEU C 199 -8.97 -6.17 -9.42
CA LEU C 199 -9.08 -6.43 -7.99
C LEU C 199 -10.46 -6.92 -7.58
N GLU C 200 -10.48 -7.83 -6.61
CA GLU C 200 -11.72 -8.42 -6.11
C GLU C 200 -12.39 -7.55 -5.05
N PHE C 201 -13.59 -7.07 -5.34
CA PHE C 201 -14.34 -6.26 -4.38
C PHE C 201 -14.65 -7.17 -3.20
N GLY C 202 -14.66 -6.59 -2.00
CA GLY C 202 -14.92 -7.39 -0.82
C GLY C 202 -13.58 -7.66 -0.15
N ALA C 203 -12.52 -7.33 -0.87
CA ALA C 203 -11.16 -7.49 -0.39
C ALA C 203 -10.58 -6.09 -0.23
N PHE C 204 -11.31 -5.11 -0.74
CA PHE C 204 -10.90 -3.71 -0.65
C PHE C 204 -10.76 -3.28 0.81
N THR C 205 -11.20 -4.16 1.71
CA THR C 205 -11.11 -3.87 3.13
C THR C 205 -9.65 -3.93 3.57
N ASN C 206 -8.77 -4.28 2.64
CA ASN C 206 -7.35 -4.36 2.93
C ASN C 206 -6.74 -2.97 2.86
N LEU C 207 -7.44 -2.07 2.17
CA LEU C 207 -6.99 -0.68 2.02
C LEU C 207 -7.60 0.16 3.13
N PRO C 208 -6.96 1.29 3.47
CA PRO C 208 -7.50 2.14 4.52
C PRO C 208 -8.95 2.44 4.16
N HIS C 209 -9.87 1.89 4.93
CA HIS C 209 -11.28 2.09 4.64
C HIS C 209 -12.11 2.28 5.89
N VAL C 210 -13.41 2.37 5.67
CA VAL C 210 -14.34 2.53 6.76
C VAL C 210 -15.68 1.94 6.36
N LEU C 211 -15.88 0.66 6.60
CA LEU C 211 -17.18 0.12 6.30
C LEU C 211 -17.98 0.87 7.33
N MET C 212 -18.87 1.73 6.85
CA MET C 212 -19.68 2.50 7.75
C MET C 212 -21.14 2.12 7.55
N ASN C 213 -21.73 1.58 8.61
CA ASN C 213 -23.11 1.13 8.57
C ASN C 213 -24.06 2.30 8.82
N LEU C 214 -24.82 2.67 7.81
CA LEU C 214 -25.77 3.76 7.93
C LEU C 214 -26.67 3.50 9.14
N ALA C 215 -27.41 4.52 9.55
CA ALA C 215 -28.30 4.40 10.70
C ALA C 215 -27.49 4.13 11.96
N GLU C 216 -26.17 4.15 11.84
CA GLU C 216 -25.27 3.92 12.96
C GLU C 216 -24.20 5.00 13.02
N THR C 217 -23.61 5.30 11.87
CA THR C 217 -22.58 6.32 11.77
C THR C 217 -22.97 7.31 10.67
N THR C 218 -22.73 8.59 10.91
CA THR C 218 -23.07 9.62 9.94
C THR C 218 -21.83 10.19 9.27
N GLN C 219 -20.65 9.81 9.79
CA GLN C 219 -19.39 10.29 9.25
C GLN C 219 -18.26 9.29 9.43
N ALA C 220 -17.34 9.27 8.49
CA ALA C 220 -16.19 8.37 8.54
C ALA C 220 -14.92 9.20 8.52
N ASP C 221 -13.91 8.76 9.26
CA ASP C 221 -12.64 9.48 9.32
C ASP C 221 -11.49 8.64 8.76
N LEU C 222 -10.71 9.25 7.88
CA LEU C 222 -9.58 8.57 7.26
C LEU C 222 -8.33 9.42 7.21
N CYS C 223 -7.28 8.96 7.88
CA CYS C 223 -6.00 9.68 7.89
C CYS C 223 -5.07 8.96 6.92
N ILE C 224 -4.80 9.61 5.79
CA ILE C 224 -3.95 9.02 4.76
C ILE C 224 -2.65 9.79 4.53
N PRO C 225 -1.50 9.13 4.77
CA PRO C 225 -0.18 9.77 4.57
C PRO C 225 0.20 9.75 3.10
N TYR C 226 1.31 10.41 2.76
CA TYR C 226 1.77 10.45 1.38
C TYR C 226 2.11 9.04 0.91
N VAL C 227 1.36 8.55 -0.08
CA VAL C 227 1.60 7.21 -0.61
C VAL C 227 1.77 7.22 -2.12
N ALA C 228 2.97 6.90 -2.58
CA ALA C 228 3.28 6.86 -4.00
C ALA C 228 4.60 6.12 -4.21
N ASP C 229 4.92 5.83 -5.46
CA ASP C 229 6.15 5.13 -5.79
C ASP C 229 7.23 6.15 -6.17
N THR C 230 6.91 7.42 -5.94
CA THR C 230 7.83 8.52 -6.23
C THR C 230 7.84 9.46 -5.03
N ASN C 231 9.00 10.02 -4.72
CA ASN C 231 9.14 10.93 -3.59
C ASN C 231 8.14 12.08 -3.64
N TYR C 232 7.94 12.65 -4.83
CA TYR C 232 7.00 13.75 -5.00
C TYR C 232 6.02 13.48 -6.14
N VAL C 233 4.83 14.08 -6.03
CA VAL C 233 3.80 13.92 -7.05
C VAL C 233 3.58 15.24 -7.78
N LYS C 234 3.40 15.15 -9.09
CA LYS C 234 3.19 16.33 -9.91
C LYS C 234 1.91 17.04 -9.49
N THR C 235 2.01 18.34 -9.21
CA THR C 235 0.85 19.12 -8.81
C THR C 235 -0.16 19.07 -9.95
N ASP C 236 -1.44 19.09 -9.60
CA ASP C 236 -2.51 19.05 -10.59
C ASP C 236 -2.53 17.70 -11.31
N SER C 237 -2.29 16.62 -10.55
CA SER C 237 -2.29 15.28 -11.11
C SER C 237 -3.17 14.36 -10.30
N SER C 238 -3.64 13.29 -10.93
CA SER C 238 -4.49 12.32 -10.27
C SER C 238 -3.65 11.29 -9.53
N ASP C 239 -2.33 11.43 -9.60
CA ASP C 239 -1.42 10.52 -8.93
C ASP C 239 -1.71 10.54 -7.43
N LEU C 240 -1.02 9.68 -6.68
CA LEU C 240 -1.23 9.61 -5.24
C LEU C 240 -2.60 9.00 -4.97
N GLY C 241 -3.15 8.33 -5.99
CA GLY C 241 -4.45 7.70 -5.86
C GLY C 241 -5.65 8.61 -5.84
N GLN C 242 -6.74 8.11 -5.28
CA GLN C 242 -7.99 8.86 -5.18
C GLN C 242 -8.93 8.16 -4.20
N LEU C 243 -9.74 8.94 -3.49
CA LEU C 243 -10.67 8.38 -2.52
C LEU C 243 -12.01 8.07 -3.18
N LYS C 244 -12.56 6.89 -2.89
CA LYS C 244 -13.83 6.48 -3.46
C LYS C 244 -14.82 6.03 -2.40
N VAL C 245 -16.10 5.94 -2.80
CA VAL C 245 -17.17 5.50 -1.93
C VAL C 245 -18.03 4.51 -2.71
N TYR C 246 -18.06 3.27 -2.23
CA TYR C 246 -18.83 2.23 -2.90
C TYR C 246 -20.09 1.83 -2.13
N VAL C 247 -20.90 0.98 -2.74
CA VAL C 247 -22.13 0.50 -2.13
C VAL C 247 -21.86 -0.86 -1.51
N TRP C 248 -21.66 -0.90 -0.20
CA TRP C 248 -21.41 -2.18 0.47
C TRP C 248 -22.70 -2.99 0.35
N THR C 249 -23.79 -2.41 0.81
CA THR C 249 -25.11 -3.03 0.75
C THR C 249 -26.08 -1.91 0.40
N PRO C 250 -26.83 -2.07 -0.71
CA PRO C 250 -27.80 -1.06 -1.15
C PRO C 250 -28.71 -0.51 -0.05
N LEU C 251 -29.21 0.69 -0.28
CA LEU C 251 -30.10 1.36 0.67
C LEU C 251 -31.46 0.71 0.76
N SER C 252 -31.87 0.36 1.98
CA SER C 252 -33.17 -0.25 2.22
C SER C 252 -34.06 0.86 2.78
N ILE C 253 -34.66 1.63 1.87
CA ILE C 253 -35.52 2.74 2.25
C ILE C 253 -37.00 2.35 2.33
N PRO C 254 -37.58 2.38 3.54
CA PRO C 254 -38.98 2.04 3.74
C PRO C 254 -39.88 2.91 2.86
N THR C 255 -41.16 2.57 2.82
CA THR C 255 -42.12 3.30 2.00
C THR C 255 -42.15 4.81 2.26
N GLY C 256 -42.54 5.20 3.47
CA GLY C 256 -42.62 6.61 3.81
C GLY C 256 -41.31 7.36 3.92
N SER C 257 -40.26 6.67 4.36
CA SER C 257 -38.94 7.29 4.51
C SER C 257 -38.48 8.05 3.27
N ALA C 258 -37.59 9.02 3.48
CA ALA C 258 -37.04 9.82 2.39
C ALA C 258 -36.21 8.95 1.47
N ASN C 259 -35.99 9.40 0.24
CA ASN C 259 -35.21 8.63 -0.72
C ASN C 259 -34.04 9.38 -1.37
N GLN C 260 -33.69 10.53 -0.82
CA GLN C 260 -32.59 11.30 -1.38
C GLN C 260 -31.43 11.42 -0.40
N VAL C 261 -30.56 10.41 -0.39
CA VAL C 261 -29.41 10.40 0.49
C VAL C 261 -28.20 10.99 -0.21
N ASP C 262 -27.56 11.97 0.43
CA ASP C 262 -26.39 12.62 -0.16
C ASP C 262 -25.10 12.19 0.52
N VAL C 263 -24.08 11.93 -0.28
CA VAL C 263 -22.78 11.51 0.24
C VAL C 263 -21.80 12.66 0.00
N THR C 264 -21.19 13.14 1.07
CA THR C 264 -20.25 14.25 0.96
C THR C 264 -18.85 13.87 1.41
N ILE C 265 -17.84 14.36 0.68
CA ILE C 265 -16.45 14.07 0.99
C ILE C 265 -15.70 15.35 1.35
N LEU C 266 -15.22 15.42 2.59
CA LEU C 266 -14.48 16.58 3.05
C LEU C 266 -13.00 16.21 3.16
N GLY C 267 -12.12 17.17 2.93
CA GLY C 267 -10.70 16.90 2.99
C GLY C 267 -9.86 17.97 3.67
N SER C 268 -8.90 17.52 4.46
CA SER C 268 -7.98 18.41 5.16
C SER C 268 -6.57 17.89 4.93
N LEU C 269 -5.60 18.80 4.90
CA LEU C 269 -4.21 18.42 4.68
C LEU C 269 -3.44 18.36 5.99
N LEU C 270 -3.21 17.14 6.49
CA LEU C 270 -2.48 16.95 7.73
C LEU C 270 -1.14 17.67 7.63
N GLN C 271 -0.54 17.60 6.45
CA GLN C 271 0.74 18.25 6.19
C GLN C 271 0.88 18.48 4.69
N LEU C 272 1.26 19.70 4.31
CA LEU C 272 1.41 20.06 2.91
C LEU C 272 2.83 20.53 2.59
N ASP C 273 3.27 20.31 1.36
CA ASP C 273 4.62 20.70 0.94
C ASP C 273 4.77 20.93 -0.57
N PHE C 274 4.86 22.20 -0.97
CA PHE C 274 5.02 22.61 -2.37
C PHE C 274 6.48 22.99 -2.60
N GLN C 275 7.17 22.27 -3.48
CA GLN C 275 8.58 22.60 -3.69
C GLN C 275 9.03 23.21 -5.02
N ASN C 276 8.86 22.46 -6.11
CA ASN C 276 9.28 22.94 -7.42
C ASN C 276 8.59 24.23 -7.87
N PRO C 277 9.37 25.27 -8.19
CA PRO C 277 8.76 26.52 -8.64
C PRO C 277 8.42 26.36 -10.12
N ARG C 278 7.44 27.11 -10.59
CA ARG C 278 7.04 27.01 -11.99
C ARG C 278 6.14 28.18 -12.36
N VAL C 279 5.93 28.37 -13.65
CA VAL C 279 5.07 29.45 -14.12
C VAL C 279 3.68 29.17 -13.56
N PHE C 280 2.76 30.12 -13.74
CA PHE C 280 1.41 29.98 -13.24
C PHE C 280 0.65 28.83 -13.89
N ALA C 281 0.27 27.85 -13.07
CA ALA C 281 -0.48 26.68 -13.52
C ALA C 281 -0.02 26.06 -14.83
N GLN C 282 1.29 25.91 -15.00
CA GLN C 282 1.82 25.31 -16.22
C GLN C 282 2.25 23.87 -15.98
N ASP C 283 1.73 22.97 -16.79
CA ASP C 283 2.06 21.55 -16.67
C ASP C 283 3.56 21.31 -16.73
N VAL C 284 4.12 20.82 -15.62
CA VAL C 284 5.55 20.54 -15.54
C VAL C 284 5.71 19.06 -15.19
N ASN C 285 6.66 18.41 -15.84
CA ASN C 285 6.90 16.98 -15.60
C ASN C 285 8.03 16.73 -14.61
N ILE C 286 7.65 16.29 -13.41
CA ILE C 286 8.63 15.99 -12.37
C ILE C 286 9.12 14.56 -12.58
N TYR C 287 8.36 13.80 -13.36
CA TYR C 287 8.67 12.41 -13.65
C TYR C 287 9.55 12.24 -14.89
N ASP C 288 10.12 11.04 -15.03
CA ASP C 288 10.97 10.72 -16.18
C ASP C 288 10.17 9.97 -17.24
#